data_5O25
#
_entry.id   5O25
#
_cell.length_a   132.670
_cell.length_b   54.930
_cell.length_c   108.640
_cell.angle_alpha   90.00
_cell.angle_beta   118.03
_cell.angle_gamma   90.00
#
_symmetry.space_group_name_H-M   'C 1 2 1'
#
loop_
_entity.id
_entity.type
_entity.pdbx_description
1 polymer TmPDE
2 non-polymer 'MANGANESE (II) ION'
3 non-polymer 'TETRAETHYLENE GLYCOL'
4 non-polymer DI(HYDROXYETHYL)ETHER
5 non-polymer 'CALCIUM ION'
6 water water
#
_entity_poly.entity_id   1
_entity_poly.type   'polypeptide(L)'
_entity_poly.pdbx_seq_one_letter_code
;GSGSGMDEIVKVLSQHDRILVVGHIMPDGDCVSSVLSLTLGLEKLGKEVKAAVDYKIPYVFEKFPYIDKIEENPNFDPEL
LVVVDASSPDRIGKFQDLLDKVPSVVIDHHSTNTNFGNWNWVDPSFAATAQMIFRINKALGVEYDSNLATLNYLGIATDT
GFFRHSNADVRVFEDAYKLVKMGADAHFVAKEILENKRFEQFKLFAEVLERLQLLENGKIAYSYIDYDTYLRHNCTDEDS
AGFVGELRSIRGVEVAVLFMEFPRGKIHVSMRSKDWFNVNEVAFELGGGGHPRAAGVTFEGKKIEEVIPRVINHLLKKFK
EGVESESEKIPEGDVLGG
;
_entity_poly.pdbx_strand_id   A,B
#
loop_
_chem_comp.id
_chem_comp.type
_chem_comp.name
_chem_comp.formula
CA non-polymer 'CALCIUM ION' 'Ca 2'
MN non-polymer 'MANGANESE (II) ION' 'Mn 2'
PEG non-polymer DI(HYDROXYETHYL)ETHER 'C4 H10 O3'
PG4 non-polymer 'TETRAETHYLENE GLYCOL' 'C8 H18 O5'
#
# COMPACT_ATOMS: atom_id res chain seq x y z
N SER A 4 6.68 24.70 -22.87
CA SER A 4 6.18 24.56 -21.48
C SER A 4 5.09 23.47 -21.32
N GLY A 5 4.39 23.14 -22.41
CA GLY A 5 3.31 22.17 -22.37
C GLY A 5 3.68 20.88 -23.07
N MET A 6 2.78 19.89 -22.93
CA MET A 6 3.04 18.58 -23.53
C MET A 6 3.23 18.69 -25.04
N ASP A 7 2.36 19.44 -25.71
CA ASP A 7 2.42 19.54 -27.17
C ASP A 7 3.80 20.03 -27.62
N GLU A 8 4.38 20.99 -26.90
CA GLU A 8 5.72 21.45 -27.24
C GLU A 8 6.74 20.34 -27.11
N ILE A 9 6.66 19.57 -26.02
CA ILE A 9 7.59 18.47 -25.79
C ILE A 9 7.49 17.45 -26.91
N VAL A 10 6.26 17.10 -27.30
CA VAL A 10 6.07 16.12 -28.36
C VAL A 10 6.79 16.57 -29.62
N LYS A 11 6.68 17.85 -29.95
CA LYS A 11 7.31 18.37 -31.15
C LYS A 11 8.83 18.22 -31.07
N VAL A 12 9.42 18.54 -29.91
CA VAL A 12 10.87 18.40 -29.76
C VAL A 12 11.29 16.94 -29.86
N LEU A 13 10.56 16.05 -29.20
CA LEU A 13 10.89 14.63 -29.27
C LEU A 13 10.85 14.13 -30.71
N SER A 14 9.89 14.62 -31.49
CA SER A 14 9.75 14.14 -32.86
CA SER A 14 9.75 14.15 -32.87
C SER A 14 10.92 14.58 -33.74
N GLN A 15 11.58 15.69 -33.39
CA GLN A 15 12.63 16.25 -34.23
C GLN A 15 13.96 15.52 -34.12
N HIS A 16 14.19 14.78 -33.03
CA HIS A 16 15.49 14.18 -32.77
C HIS A 16 15.34 12.67 -32.79
N ASP A 17 16.33 11.98 -33.37
CA ASP A 17 16.29 10.55 -33.55
C ASP A 17 17.31 9.80 -32.70
N ARG A 18 18.25 10.50 -32.08
CA ARG A 18 19.21 9.90 -31.13
C ARG A 18 19.00 10.57 -29.79
N ILE A 19 18.41 9.85 -28.84
CA ILE A 19 17.89 10.43 -27.61
C ILE A 19 18.41 9.64 -26.42
N LEU A 20 18.89 10.35 -25.41
CA LEU A 20 19.27 9.76 -24.14
C LEU A 20 18.24 10.18 -23.10
N VAL A 21 17.63 9.19 -22.45
CA VAL A 21 16.63 9.41 -21.40
C VAL A 21 17.31 9.14 -20.06
N VAL A 22 17.28 10.13 -19.17
CA VAL A 22 17.93 10.04 -17.87
C VAL A 22 16.93 10.36 -16.77
N GLY A 23 17.06 9.66 -15.63
CA GLY A 23 16.30 9.96 -14.43
C GLY A 23 17.18 10.35 -13.25
N HIS A 24 16.59 10.48 -12.08
CA HIS A 24 17.32 10.99 -10.93
C HIS A 24 18.12 9.89 -10.23
N ILE A 25 19.23 10.29 -9.61
CA ILE A 25 20.04 9.39 -8.79
C ILE A 25 19.20 9.00 -7.58
N MET A 26 19.62 7.97 -6.85
CA MET A 26 18.81 7.35 -5.82
C MET A 26 17.44 7.04 -6.41
N PRO A 27 17.39 6.30 -7.51
CA PRO A 27 16.14 6.16 -8.28
C PRO A 27 15.06 5.43 -7.49
N ASP A 28 13.83 5.92 -7.64
CA ASP A 28 12.64 5.30 -7.08
C ASP A 28 11.81 4.68 -8.20
N GLY A 29 10.62 4.21 -7.85
CA GLY A 29 9.77 3.54 -8.83
C GLY A 29 9.33 4.46 -9.95
N ASP A 30 9.03 5.71 -9.62
CA ASP A 30 8.61 6.67 -10.64
C ASP A 30 9.75 6.94 -11.62
N CYS A 31 10.98 7.00 -11.11
CA CYS A 31 12.13 7.20 -11.99
C CYS A 31 12.27 6.05 -12.98
N VAL A 32 12.31 4.82 -12.47
CA VAL A 32 12.48 3.65 -13.32
C VAL A 32 11.32 3.57 -14.32
N SER A 33 10.10 3.76 -13.82
CA SER A 33 8.90 3.69 -14.65
C SER A 33 8.95 4.73 -15.77
N SER A 34 9.28 5.97 -15.42
CA SER A 34 9.26 7.05 -16.39
C SER A 34 10.38 6.89 -17.42
N VAL A 35 11.59 6.53 -16.97
CA VAL A 35 12.72 6.36 -17.88
C VAL A 35 12.40 5.27 -18.90
N LEU A 36 12.00 4.10 -18.41
CA LEU A 36 11.79 2.97 -19.31
C LEU A 36 10.55 3.16 -20.18
N SER A 37 9.46 3.70 -19.61
CA SER A 37 8.25 3.87 -20.40
C SER A 37 8.48 4.83 -21.55
N LEU A 38 9.20 5.94 -21.31
CA LEU A 38 9.45 6.87 -22.38
C LEU A 38 10.46 6.30 -23.39
N THR A 39 11.50 5.63 -22.89
CA THR A 39 12.49 5.03 -23.78
C THR A 39 11.83 4.06 -24.75
N LEU A 40 11.01 3.13 -24.22
CA LEU A 40 10.34 2.17 -25.07
C LEU A 40 9.34 2.84 -26.01
N GLY A 41 8.67 3.88 -25.54
CA GLY A 41 7.75 4.60 -26.40
C GLY A 41 8.47 5.24 -27.57
N LEU A 42 9.58 5.94 -27.29
CA LEU A 42 10.34 6.60 -28.35
C LEU A 42 10.89 5.59 -29.35
N GLU A 43 11.28 4.40 -28.88
CA GLU A 43 11.77 3.38 -29.80
C GLU A 43 10.69 2.96 -30.78
N LYS A 44 9.41 3.03 -30.38
CA LYS A 44 8.34 2.68 -31.31
C LYS A 44 8.36 3.56 -32.55
N LEU A 45 8.86 4.80 -32.43
CA LEU A 45 8.97 5.72 -33.56
C LEU A 45 10.20 5.45 -34.41
N GLY A 46 10.91 4.35 -34.19
CA GLY A 46 12.11 4.03 -34.94
C GLY A 46 13.36 4.73 -34.47
N LYS A 47 13.29 5.49 -33.37
CA LYS A 47 14.42 6.28 -32.91
C LYS A 47 15.42 5.40 -32.16
N GLU A 48 16.68 5.86 -32.15
CA GLU A 48 17.72 5.21 -31.36
C GLU A 48 17.75 5.86 -29.99
N VAL A 49 17.44 5.07 -28.95
CA VAL A 49 17.18 5.61 -27.63
C VAL A 49 17.94 4.78 -26.60
N LYS A 50 18.66 5.46 -25.72
CA LYS A 50 19.29 4.83 -24.58
C LYS A 50 18.74 5.43 -23.31
N ALA A 51 18.76 4.64 -22.24
CA ALA A 51 18.24 5.02 -20.94
C ALA A 51 19.38 4.92 -19.92
N ALA A 52 19.43 5.84 -18.97
CA ALA A 52 20.51 5.83 -18.00
C ALA A 52 20.12 6.49 -16.69
N VAL A 53 20.77 6.04 -15.62
CA VAL A 53 20.72 6.65 -14.30
C VAL A 53 22.12 6.55 -13.71
N ASP A 54 22.64 7.65 -13.17
CA ASP A 54 23.99 7.67 -12.60
C ASP A 54 23.97 7.13 -11.17
N TYR A 55 23.54 5.88 -11.05
CA TYR A 55 23.34 5.28 -9.73
C TYR A 55 22.99 3.81 -9.91
N LYS A 56 23.30 3.00 -8.90
CA LYS A 56 22.92 1.60 -8.94
C LYS A 56 21.40 1.47 -8.91
N ILE A 57 20.88 0.60 -9.78
CA ILE A 57 19.44 0.33 -9.79
C ILE A 57 19.10 -0.60 -8.64
N PRO A 58 18.14 -0.27 -7.78
CA PRO A 58 17.83 -1.14 -6.63
C PRO A 58 17.41 -2.54 -7.05
N TYR A 59 17.75 -3.50 -6.17
CA TYR A 59 17.45 -4.91 -6.43
C TYR A 59 15.98 -5.15 -6.74
N VAL A 60 15.07 -4.38 -6.15
CA VAL A 60 13.64 -4.67 -6.31
C VAL A 60 13.17 -4.51 -7.75
N PHE A 61 13.96 -3.89 -8.61
CA PHE A 61 13.55 -3.70 -10.00
C PHE A 61 14.09 -4.77 -10.94
N GLU A 62 14.87 -5.72 -10.44
CA GLU A 62 15.69 -6.55 -11.31
C GLU A 62 14.90 -7.56 -12.11
N LYS A 63 13.66 -7.86 -11.74
CA LYS A 63 12.82 -8.77 -12.50
C LYS A 63 11.86 -8.06 -13.44
N PHE A 64 11.90 -6.73 -13.48
CA PHE A 64 11.00 -6.01 -14.35
C PHE A 64 11.44 -6.14 -15.80
N PRO A 65 10.50 -6.17 -16.74
CA PRO A 65 10.89 -6.27 -18.16
C PRO A 65 11.73 -5.06 -18.56
N TYR A 66 12.79 -5.33 -19.32
CA TYR A 66 13.64 -4.33 -19.94
C TYR A 66 14.45 -3.53 -18.92
N ILE A 67 14.58 -4.02 -17.68
CA ILE A 67 15.31 -3.23 -16.68
C ILE A 67 16.76 -3.05 -17.08
N ASP A 68 17.31 -3.99 -17.86
CA ASP A 68 18.70 -3.88 -18.30
C ASP A 68 18.91 -2.79 -19.33
N LYS A 69 17.84 -2.17 -19.85
CA LYS A 69 18.00 -1.02 -20.73
C LYS A 69 18.46 0.23 -19.99
N ILE A 70 18.24 0.31 -18.67
CA ILE A 70 18.77 1.43 -17.90
C ILE A 70 20.25 1.16 -17.68
N GLU A 71 21.10 1.98 -18.28
CA GLU A 71 22.53 1.84 -18.14
C GLU A 71 23.06 2.85 -17.11
N GLU A 72 24.29 2.62 -16.67
CA GLU A 72 25.02 3.56 -15.84
C GLU A 72 26.04 4.33 -16.65
N ASN A 73 26.69 3.67 -17.59
CA ASN A 73 27.76 4.26 -18.41
C ASN A 73 27.41 4.04 -19.86
N PRO A 74 26.42 4.76 -20.39
CA PRO A 74 26.05 4.59 -21.79
C PRO A 74 27.15 5.07 -22.72
N ASN A 75 27.35 4.34 -23.79
CA ASN A 75 28.33 4.64 -24.83
C ASN A 75 27.53 5.18 -26.02
N PHE A 76 27.37 6.50 -26.07
CA PHE A 76 26.33 7.09 -26.89
C PHE A 76 26.64 8.56 -27.14
N ASP A 77 26.26 9.05 -28.32
CA ASP A 77 26.36 10.46 -28.68
C ASP A 77 24.95 10.97 -29.00
N PRO A 78 24.16 11.32 -27.98
CA PRO A 78 22.78 11.75 -28.22
C PRO A 78 22.70 13.13 -28.86
N GLU A 79 21.66 13.31 -29.68
CA GLU A 79 21.27 14.63 -30.17
C GLU A 79 20.39 15.37 -29.17
N LEU A 80 19.70 14.64 -28.30
CA LEU A 80 18.76 15.21 -27.36
C LEU A 80 18.86 14.48 -26.03
N LEU A 81 18.88 15.25 -24.94
CA LEU A 81 18.82 14.71 -23.60
C LEU A 81 17.42 14.95 -23.04
N VAL A 82 16.78 13.90 -22.54
CA VAL A 82 15.46 14.01 -21.93
C VAL A 82 15.59 13.58 -20.47
N VAL A 83 15.28 14.50 -19.57
CA VAL A 83 15.40 14.29 -18.13
C VAL A 83 14.00 14.17 -17.56
N VAL A 84 13.73 13.06 -16.88
CA VAL A 84 12.41 12.80 -16.31
C VAL A 84 12.51 12.66 -14.80
N ASP A 85 11.53 13.23 -14.10
CA ASP A 85 11.31 13.01 -12.67
C ASP A 85 12.45 13.57 -11.81
N ALA A 86 13.17 14.57 -12.31
CA ALA A 86 14.28 15.17 -11.57
C ALA A 86 14.08 16.68 -11.52
N SER A 87 14.21 17.25 -10.32
CA SER A 87 13.86 18.64 -10.09
C SER A 87 15.02 19.62 -10.26
N SER A 88 16.26 19.14 -10.32
CA SER A 88 17.40 20.04 -10.47
C SER A 88 18.54 19.27 -11.10
N PRO A 89 19.49 19.97 -11.74
CA PRO A 89 20.60 19.26 -12.40
C PRO A 89 21.39 18.35 -11.48
N ASP A 90 21.65 18.75 -10.23
CA ASP A 90 22.44 17.89 -9.35
C ASP A 90 21.81 16.51 -9.20
N ARG A 91 20.49 16.41 -9.35
CA ARG A 91 19.80 15.15 -9.10
C ARG A 91 19.95 14.14 -10.23
N ILE A 92 20.63 14.50 -11.34
CA ILE A 92 20.92 13.51 -12.38
C ILE A 92 22.40 13.16 -12.42
N GLY A 93 23.18 13.62 -11.43
CA GLY A 93 24.55 13.16 -11.32
C GLY A 93 25.39 13.63 -12.50
N LYS A 94 26.25 12.74 -12.99
CA LYS A 94 27.20 13.11 -14.04
C LYS A 94 26.52 13.60 -15.31
N PHE A 95 25.25 13.27 -15.53
CA PHE A 95 24.62 13.65 -16.78
C PHE A 95 24.29 15.14 -16.84
N GLN A 96 24.39 15.87 -15.73
CA GLN A 96 24.24 17.32 -15.82
C GLN A 96 25.35 17.94 -16.66
N ASP A 97 26.45 17.23 -16.88
CA ASP A 97 27.50 17.75 -17.75
CA ASP A 97 27.50 17.75 -17.75
C ASP A 97 27.05 17.86 -19.20
N LEU A 98 25.97 17.15 -19.58
CA LEU A 98 25.45 17.27 -20.93
C LEU A 98 24.66 18.56 -21.15
N LEU A 99 24.27 19.24 -20.08
CA LEU A 99 23.28 20.30 -20.20
C LEU A 99 23.80 21.54 -20.93
N ASP A 100 25.11 21.76 -20.96
CA ASP A 100 25.67 22.87 -21.73
C ASP A 100 26.15 22.44 -23.10
N LYS A 101 25.76 21.24 -23.55
CA LYS A 101 26.22 20.70 -24.82
C LYS A 101 25.08 20.18 -25.70
N VAL A 102 24.14 19.45 -25.12
CA VAL A 102 23.07 18.82 -25.89
C VAL A 102 21.76 19.55 -25.56
N PRO A 103 20.91 19.85 -26.53
CA PRO A 103 19.56 20.31 -26.20
C PRO A 103 18.90 19.34 -25.24
N SER A 104 18.11 19.87 -24.30
CA SER A 104 17.55 19.05 -23.25
C SER A 104 16.06 19.33 -23.07
N VAL A 105 15.34 18.28 -22.69
CA VAL A 105 13.93 18.33 -22.33
C VAL A 105 13.81 17.88 -20.88
N VAL A 106 12.96 18.56 -20.12
CA VAL A 106 12.65 18.18 -18.75
C VAL A 106 11.16 17.89 -18.67
N ILE A 107 10.82 16.70 -18.13
CA ILE A 107 9.45 16.29 -17.87
C ILE A 107 9.38 15.91 -16.40
N ASP A 108 8.56 16.62 -15.63
CA ASP A 108 8.62 16.43 -14.19
C ASP A 108 7.35 16.95 -13.54
N HIS A 109 7.15 16.53 -12.29
CA HIS A 109 5.98 16.93 -11.50
C HIS A 109 6.32 17.58 -10.15
N HIS A 110 7.60 17.87 -9.90
CA HIS A 110 7.97 18.55 -8.67
C HIS A 110 7.71 20.04 -8.80
N SER A 111 7.00 20.62 -7.82
CA SER A 111 6.75 22.05 -7.82
C SER A 111 8.04 22.87 -7.77
N THR A 112 9.12 22.30 -7.24
CA THR A 112 10.37 23.01 -7.05
C THR A 112 11.32 22.89 -8.24
N ASN A 113 10.86 22.32 -9.36
CA ASN A 113 11.74 22.15 -10.51
C ASN A 113 12.31 23.51 -10.94
N THR A 114 13.62 23.52 -11.19
CA THR A 114 14.32 24.74 -11.58
C THR A 114 14.27 25.03 -13.07
N ASN A 115 13.50 24.27 -13.85
CA ASN A 115 13.33 24.49 -15.28
C ASN A 115 14.68 24.56 -15.99
N PHE A 116 15.54 23.57 -15.71
CA PHE A 116 16.90 23.60 -16.20
C PHE A 116 17.02 23.11 -17.64
N GLY A 117 15.95 22.58 -18.23
CA GLY A 117 15.99 22.20 -19.62
C GLY A 117 15.78 23.36 -20.57
N ASN A 118 16.12 23.13 -21.84
CA ASN A 118 15.71 24.07 -22.88
C ASN A 118 14.20 24.08 -23.02
N TRP A 119 13.58 22.90 -22.90
CA TRP A 119 12.14 22.75 -22.87
C TRP A 119 11.77 22.07 -21.56
N ASN A 120 10.81 22.65 -20.86
CA ASN A 120 10.40 22.15 -19.54
C ASN A 120 8.89 22.00 -19.50
N TRP A 121 8.42 20.77 -19.33
CA TRP A 121 7.01 20.50 -19.04
C TRP A 121 6.95 20.04 -17.59
N VAL A 122 6.55 20.96 -16.71
CA VAL A 122 6.49 20.72 -15.28
C VAL A 122 5.06 20.96 -14.83
N ASP A 123 4.41 19.91 -14.33
CA ASP A 123 3.01 19.97 -13.93
C ASP A 123 2.89 19.29 -12.56
N PRO A 124 2.91 20.07 -11.48
CA PRO A 124 2.81 19.47 -10.13
C PRO A 124 1.46 18.88 -9.80
N SER A 125 0.46 19.00 -10.68
CA SER A 125 -0.84 18.39 -10.41
C SER A 125 -0.84 16.89 -10.64
N PHE A 126 0.20 16.34 -11.25
CA PHE A 126 0.32 14.91 -11.44
C PHE A 126 0.96 14.25 -10.23
N ALA A 127 0.44 13.08 -9.86
CA ALA A 127 0.99 12.33 -8.73
C ALA A 127 2.30 11.66 -9.08
N ALA A 128 2.53 11.35 -10.36
CA ALA A 128 3.76 10.72 -10.79
C ALA A 128 4.16 11.27 -12.16
N THR A 129 5.47 11.42 -12.38
CA THR A 129 5.95 11.68 -13.73
C THR A 129 5.44 10.62 -14.70
N ALA A 130 5.30 9.38 -14.22
CA ALA A 130 4.83 8.30 -15.07
C ALA A 130 3.48 8.61 -15.70
N GLN A 131 2.65 9.42 -15.02
CA GLN A 131 1.38 9.86 -15.62
C GLN A 131 1.63 10.75 -16.82
N MET A 132 2.66 11.59 -16.74
CA MET A 132 2.99 12.49 -17.84
C MET A 132 3.56 11.70 -19.01
N ILE A 133 4.36 10.67 -18.74
CA ILE A 133 4.91 9.84 -19.80
C ILE A 133 3.80 9.05 -20.49
N PHE A 134 2.85 8.53 -19.71
CA PHE A 134 1.69 7.85 -20.29
C PHE A 134 1.00 8.73 -21.31
N ARG A 135 0.79 10.00 -20.97
CA ARG A 135 0.13 10.93 -21.87
C ARG A 135 1.00 11.25 -23.08
N ILE A 136 2.31 11.43 -22.87
CA ILE A 136 3.21 11.68 -24.00
C ILE A 136 3.20 10.50 -24.96
N ASN A 137 3.29 9.28 -24.41
CA ASN A 137 3.35 8.10 -25.27
C ASN A 137 2.08 7.95 -26.10
N LYS A 138 0.92 8.17 -25.47
CA LYS A 138 -0.33 8.08 -26.22
C LYS A 138 -0.42 9.18 -27.26
N ALA A 139 0.05 10.39 -26.94
CA ALA A 139 0.08 11.46 -27.93
C ALA A 139 1.05 11.14 -29.07
N LEU A 140 2.16 10.47 -28.75
CA LEU A 140 3.09 10.02 -29.79
C LEU A 140 2.52 8.86 -30.60
N GLY A 141 1.36 8.33 -30.23
CA GLY A 141 0.73 7.26 -30.99
C GLY A 141 1.16 5.87 -30.60
N VAL A 142 1.88 5.72 -29.48
CA VAL A 142 2.43 4.43 -29.07
C VAL A 142 1.31 3.48 -28.67
N GLU A 143 1.43 2.22 -29.08
CA GLU A 143 0.53 1.16 -28.62
C GLU A 143 1.18 0.37 -27.50
N TYR A 144 0.43 0.16 -26.43
CA TYR A 144 0.94 -0.47 -25.23
C TYR A 144 0.73 -1.98 -25.27
N ASP A 145 1.81 -2.74 -25.07
CA ASP A 145 1.66 -4.14 -24.72
C ASP A 145 1.71 -4.27 -23.20
N SER A 146 1.60 -5.50 -22.70
CA SER A 146 1.44 -5.68 -21.26
C SER A 146 2.74 -5.36 -20.50
N ASN A 147 3.89 -5.57 -21.13
CA ASN A 147 5.14 -5.20 -20.48
C ASN A 147 5.25 -3.68 -20.33
N LEU A 148 4.92 -2.93 -21.39
CA LEU A 148 4.97 -1.49 -21.29
C LEU A 148 3.92 -0.98 -20.31
N ALA A 149 2.74 -1.61 -20.30
CA ALA A 149 1.71 -1.22 -19.33
C ALA A 149 2.20 -1.42 -17.90
N THR A 150 2.84 -2.56 -17.63
CA THR A 150 3.37 -2.82 -16.29
C THR A 150 4.42 -1.78 -15.92
N LEU A 151 5.33 -1.47 -16.85
CA LEU A 151 6.38 -0.51 -16.56
C LEU A 151 5.82 0.87 -16.28
N ASN A 152 4.75 1.26 -16.97
CA ASN A 152 4.18 2.59 -16.78
C ASN A 152 3.30 2.63 -15.54
N TYR A 153 2.63 1.52 -15.22
CA TYR A 153 1.88 1.42 -13.97
C TYR A 153 2.77 1.59 -12.75
N LEU A 154 4.01 1.06 -12.83
CA LEU A 154 4.92 1.05 -11.69
C LEU A 154 5.01 2.41 -11.01
N GLY A 155 5.27 3.46 -11.78
CA GLY A 155 5.52 4.77 -11.18
C GLY A 155 4.28 5.39 -10.56
N ILE A 156 3.12 5.13 -11.15
CA ILE A 156 1.87 5.63 -10.58
C ILE A 156 1.62 4.97 -9.24
N ALA A 157 1.88 3.67 -9.15
CA ALA A 157 1.72 2.95 -7.89
C ALA A 157 2.72 3.46 -6.84
N THR A 158 4.00 3.49 -7.18
CA THR A 158 4.99 3.80 -6.15
C THR A 158 4.90 5.26 -5.69
N ASP A 159 4.66 6.19 -6.61
CA ASP A 159 4.63 7.59 -6.18
C ASP A 159 3.34 7.97 -5.44
N THR A 160 2.34 7.09 -5.44
CA THR A 160 1.17 7.27 -4.58
C THR A 160 1.21 6.38 -3.35
N GLY A 161 2.34 5.74 -3.07
CA GLY A 161 2.38 4.77 -1.99
C GLY A 161 1.39 3.66 -2.19
N PHE A 162 1.20 3.24 -3.44
CA PHE A 162 0.18 2.26 -3.80
C PHE A 162 -1.20 2.73 -3.35
N PHE A 163 -1.54 3.93 -3.84
CA PHE A 163 -2.89 4.49 -3.76
C PHE A 163 -3.29 4.87 -2.33
N ARG A 164 -2.30 5.36 -1.57
CA ARG A 164 -2.48 5.75 -0.18
C ARG A 164 -2.19 7.21 0.11
N HIS A 165 -1.35 7.86 -0.68
CA HIS A 165 -1.03 9.25 -0.43
C HIS A 165 -2.19 10.14 -0.88
N SER A 166 -2.19 11.39 -0.41
CA SER A 166 -3.27 12.31 -0.74
C SER A 166 -3.29 12.67 -2.22
N ASN A 167 -2.21 12.38 -2.96
CA ASN A 167 -2.19 12.62 -4.40
C ASN A 167 -2.90 11.54 -5.21
N ALA A 168 -3.47 10.51 -4.55
CA ALA A 168 -4.16 9.44 -5.26
C ALA A 168 -5.58 9.91 -5.59
N ASP A 169 -5.68 10.74 -6.63
CA ASP A 169 -6.93 11.37 -7.02
C ASP A 169 -7.56 10.61 -8.19
N VAL A 170 -8.64 11.15 -8.74
CA VAL A 170 -9.40 10.43 -9.75
C VAL A 170 -8.54 10.15 -10.97
N ARG A 171 -7.64 11.07 -11.31
CA ARG A 171 -6.81 10.87 -12.50
C ARG A 171 -5.82 9.73 -12.29
N VAL A 172 -5.32 9.58 -11.06
CA VAL A 172 -4.47 8.44 -10.73
C VAL A 172 -5.23 7.13 -10.96
N PHE A 173 -6.47 7.06 -10.46
CA PHE A 173 -7.23 5.82 -10.59
C PHE A 173 -7.67 5.58 -12.02
N GLU A 174 -7.93 6.64 -12.78
CA GLU A 174 -8.18 6.48 -14.21
C GLU A 174 -7.00 5.83 -14.90
N ASP A 175 -5.80 6.40 -14.70
CA ASP A 175 -4.60 5.86 -15.35
C ASP A 175 -4.36 4.42 -14.93
N ALA A 176 -4.50 4.12 -13.64
CA ALA A 176 -4.25 2.76 -13.18
C ALA A 176 -5.20 1.79 -13.85
N TYR A 177 -6.48 2.14 -13.92
CA TYR A 177 -7.46 1.28 -14.58
C TYR A 177 -7.11 1.08 -16.05
N LYS A 178 -6.80 2.17 -16.76
CA LYS A 178 -6.46 2.05 -18.17
C LYS A 178 -5.25 1.15 -18.38
N LEU A 179 -4.24 1.26 -17.51
CA LEU A 179 -3.03 0.47 -17.71
C LEU A 179 -3.25 -1.00 -17.36
N VAL A 180 -4.02 -1.27 -16.30
CA VAL A 180 -4.36 -2.65 -15.98
C VAL A 180 -5.22 -3.26 -17.07
N LYS A 181 -6.09 -2.45 -17.69
CA LYS A 181 -6.89 -2.93 -18.81
C LYS A 181 -6.02 -3.34 -19.99
N MET A 182 -4.84 -2.74 -20.11
CA MET A 182 -3.91 -3.08 -21.17
C MET A 182 -2.88 -4.11 -20.75
N GLY A 183 -3.07 -4.75 -19.59
CA GLY A 183 -2.24 -5.86 -19.16
C GLY A 183 -1.21 -5.55 -18.10
N ALA A 184 -1.24 -4.36 -17.51
CA ALA A 184 -0.34 -4.08 -16.39
C ALA A 184 -0.58 -5.08 -15.27
N ASP A 185 0.50 -5.70 -14.80
CA ASP A 185 0.42 -6.73 -13.76
C ASP A 185 0.57 -6.05 -12.40
N ALA A 186 -0.56 -5.60 -11.85
CA ALA A 186 -0.52 -4.87 -10.57
C ALA A 186 0.04 -5.73 -9.45
N HIS A 187 -0.28 -7.02 -9.45
CA HIS A 187 0.21 -7.90 -8.39
C HIS A 187 1.71 -8.12 -8.48
N PHE A 188 2.23 -8.35 -9.69
CA PHE A 188 3.67 -8.46 -9.88
C PHE A 188 4.38 -7.22 -9.33
N VAL A 189 3.88 -6.03 -9.68
CA VAL A 189 4.50 -4.80 -9.24
C VAL A 189 4.51 -4.72 -7.71
N ALA A 190 3.39 -5.04 -7.08
CA ALA A 190 3.32 -4.94 -5.63
C ALA A 190 4.25 -5.94 -4.96
N LYS A 191 4.28 -7.18 -5.45
CA LYS A 191 5.13 -8.20 -4.85
C LYS A 191 6.61 -7.80 -4.93
N GLU A 192 7.05 -7.38 -6.12
CA GLU A 192 8.46 -7.09 -6.31
C GLU A 192 8.91 -5.87 -5.51
N ILE A 193 8.05 -4.86 -5.38
CA ILE A 193 8.45 -3.62 -4.73
C ILE A 193 8.30 -3.72 -3.21
N LEU A 194 7.26 -4.42 -2.75
CA LEU A 194 6.88 -4.37 -1.34
C LEU A 194 7.11 -5.66 -0.57
N GLU A 195 7.34 -6.78 -1.26
CA GLU A 195 7.54 -8.08 -0.59
C GLU A 195 8.92 -8.63 -0.92
N ASN A 196 9.92 -7.75 -0.97
CA ASN A 196 11.27 -8.11 -1.39
C ASN A 196 12.31 -7.63 -0.38
N LYS A 197 11.92 -7.52 0.89
CA LYS A 197 12.78 -6.90 1.89
C LYS A 197 13.85 -7.87 2.35
N ARG A 198 15.10 -7.41 2.30
CA ARG A 198 16.18 -8.17 2.91
C ARG A 198 15.94 -8.33 4.40
N PHE A 199 16.29 -9.51 4.91
CA PHE A 199 16.29 -9.73 6.35
C PHE A 199 17.03 -8.62 7.06
N GLU A 200 18.17 -8.19 6.50
CA GLU A 200 18.96 -7.12 7.10
C GLU A 200 18.18 -5.81 7.18
N GLN A 201 17.25 -5.57 6.27
CA GLN A 201 16.44 -4.35 6.33
C GLN A 201 15.64 -4.29 7.62
N PHE A 202 15.13 -5.43 8.08
CA PHE A 202 14.33 -5.45 9.30
C PHE A 202 15.19 -5.15 10.54
N LYS A 203 16.42 -5.66 10.56
CA LYS A 203 17.32 -5.36 11.67
C LYS A 203 17.70 -3.88 11.67
N LEU A 204 17.95 -3.32 10.50
CA LEU A 204 18.17 -1.88 10.40
C LEU A 204 16.95 -1.10 10.89
N PHE A 205 15.76 -1.50 10.45
CA PHE A 205 14.55 -0.79 10.84
C PHE A 205 14.34 -0.84 12.35
N ALA A 206 14.73 -1.94 12.99
CA ALA A 206 14.62 -2.03 14.44
C ALA A 206 15.39 -0.90 15.12
N GLU A 207 16.58 -0.57 14.61
CA GLU A 207 17.34 0.52 15.20
C GLU A 207 16.69 1.88 14.92
N VAL A 208 16.16 2.05 13.71
CA VAL A 208 15.39 3.24 13.38
C VAL A 208 14.23 3.41 14.37
N LEU A 209 13.55 2.30 14.71
CA LEU A 209 12.44 2.39 15.65
C LEU A 209 12.91 2.65 17.07
N GLU A 210 14.07 2.12 17.45
CA GLU A 210 14.61 2.41 18.77
C GLU A 210 14.92 3.89 18.93
N ARG A 211 15.39 4.53 17.84
CA ARG A 211 15.77 5.94 17.86
C ARG A 211 14.60 6.86 17.61
N LEU A 212 13.44 6.33 17.22
CA LEU A 212 12.31 7.16 16.85
C LEU A 212 11.86 8.04 18.02
N GLN A 213 11.66 9.33 17.72
CA GLN A 213 11.22 10.32 18.69
C GLN A 213 10.06 11.11 18.11
N LEU A 214 9.20 11.60 19.01
CA LEU A 214 8.12 12.50 18.64
C LEU A 214 8.47 13.93 19.04
N LEU A 215 7.99 14.87 18.24
CA LEU A 215 8.08 16.29 18.54
C LEU A 215 6.72 16.93 18.28
N GLU A 216 6.62 18.22 18.60
CA GLU A 216 5.36 18.95 18.57
C GLU A 216 4.25 18.13 19.23
N ASN A 217 4.59 17.56 20.39
CA ASN A 217 3.63 16.85 21.23
C ASN A 217 2.88 15.78 20.46
N GLY A 218 3.61 15.08 19.58
CA GLY A 218 3.06 13.95 18.84
C GLY A 218 2.80 14.21 17.37
N LYS A 219 2.88 15.46 16.91
CA LYS A 219 2.55 15.80 15.54
C LYS A 219 3.72 15.59 14.58
N ILE A 220 4.93 15.43 15.09
CA ILE A 220 6.13 15.21 14.29
C ILE A 220 6.83 13.97 14.80
N ALA A 221 7.31 13.14 13.89
CA ALA A 221 8.10 11.95 14.20
C ALA A 221 9.39 11.99 13.40
N TYR A 222 10.51 11.63 14.03
CA TYR A 222 11.76 11.53 13.27
C TYR A 222 12.66 10.44 13.83
N SER A 223 13.58 10.00 12.98
CA SER A 223 14.66 9.09 13.36
C SER A 223 15.84 9.36 12.44
N TYR A 224 16.90 8.57 12.59
CA TYR A 224 18.10 8.83 11.82
C TYR A 224 18.92 7.54 11.68
N ILE A 225 19.69 7.48 10.60
CA ILE A 225 20.62 6.39 10.35
C ILE A 225 21.94 7.03 9.97
N ASP A 226 22.90 7.00 10.89
CA ASP A 226 24.28 7.36 10.57
C ASP A 226 24.92 6.26 9.72
N TYR A 227 26.00 6.62 9.03
CA TYR A 227 26.61 5.69 8.09
C TYR A 227 27.07 4.41 8.79
N ASP A 228 27.61 4.52 10.01
CA ASP A 228 28.06 3.33 10.73
C ASP A 228 26.92 2.33 10.94
N THR A 229 25.69 2.83 11.07
CA THR A 229 24.56 1.94 11.31
C THR A 229 24.14 1.21 10.04
N TYR A 230 24.21 1.87 8.87
CA TYR A 230 24.09 1.13 7.62
C TYR A 230 25.12 0.01 7.56
N LEU A 231 26.37 0.34 7.88
CA LEU A 231 27.44 -0.66 7.80
C LEU A 231 27.22 -1.78 8.82
N ARG A 232 26.79 -1.44 10.02
CA ARG A 232 26.63 -2.43 11.07
C ARG A 232 25.65 -3.51 10.64
N HIS A 233 24.64 -3.15 9.85
CA HIS A 233 23.60 -4.09 9.44
C HIS A 233 23.76 -4.54 8.00
N ASN A 234 24.91 -4.25 7.38
CA ASN A 234 25.17 -4.58 5.98
C ASN A 234 24.02 -4.10 5.08
N CYS A 235 23.72 -2.80 5.20
CA CYS A 235 22.63 -2.19 4.46
C CYS A 235 23.12 -0.97 3.69
N THR A 236 22.29 -0.56 2.74
CA THR A 236 22.50 0.64 1.94
C THR A 236 21.21 1.44 1.91
N ASP A 237 21.22 2.53 1.14
CA ASP A 237 20.00 3.32 0.98
C ASP A 237 18.88 2.53 0.31
N GLU A 238 19.20 1.40 -0.34
CA GLU A 238 18.13 0.52 -0.83
C GLU A 238 17.26 0.01 0.31
N ASP A 239 17.88 -0.32 1.45
CA ASP A 239 17.14 -0.95 2.53
C ASP A 239 16.23 0.04 3.26
N SER A 240 16.59 1.33 3.28
CA SER A 240 15.81 2.33 4.01
C SER A 240 14.78 3.04 3.15
N ALA A 241 14.63 2.64 1.89
CA ALA A 241 13.80 3.41 0.95
C ALA A 241 12.40 3.69 1.48
N GLY A 242 11.75 2.69 2.05
CA GLY A 242 10.39 2.87 2.50
C GLY A 242 10.20 3.31 3.94
N PHE A 243 11.28 3.66 4.64
CA PHE A 243 11.18 3.86 6.09
C PHE A 243 10.36 5.08 6.46
N VAL A 244 10.60 6.22 5.80
CA VAL A 244 9.96 7.45 6.27
C VAL A 244 8.44 7.36 6.10
N GLY A 245 7.97 6.71 5.03
CA GLY A 245 6.54 6.51 4.87
C GLY A 245 5.95 5.69 6.00
N GLU A 246 6.69 4.71 6.50
CA GLU A 246 6.21 3.93 7.65
C GLU A 246 6.11 4.80 8.88
N LEU A 247 7.10 5.68 9.09
CA LEU A 247 7.03 6.53 10.28
C LEU A 247 5.83 7.47 10.24
N ARG A 248 5.32 7.78 9.05
CA ARG A 248 4.14 8.62 8.99
C ARG A 248 2.87 7.88 9.39
N SER A 249 2.92 6.55 9.49
CA SER A 249 1.72 5.77 9.84
C SER A 249 1.42 5.79 11.33
N ILE A 250 2.15 6.60 12.12
CA ILE A 250 1.81 6.77 13.53
C ILE A 250 0.56 7.62 13.65
N ARG A 251 -0.38 7.14 14.46
CA ARG A 251 -1.61 7.89 14.71
C ARG A 251 -1.30 9.30 15.19
N GLY A 252 -1.85 10.29 14.51
CA GLY A 252 -1.72 11.68 14.90
C GLY A 252 -0.52 12.40 14.35
N VAL A 253 0.45 11.68 13.78
CA VAL A 253 1.62 12.32 13.22
C VAL A 253 1.26 12.99 11.90
N GLU A 254 1.62 14.27 11.76
CA GLU A 254 1.40 15.01 10.51
C GLU A 254 2.60 15.01 9.59
N VAL A 255 3.83 14.98 10.13
CA VAL A 255 5.01 14.94 9.29
C VAL A 255 6.04 14.00 9.90
N ALA A 256 6.58 13.12 9.08
CA ALA A 256 7.64 12.18 9.46
C ALA A 256 8.92 12.58 8.76
N VAL A 257 10.03 12.47 9.47
CA VAL A 257 11.34 12.88 8.97
C VAL A 257 12.35 11.78 9.24
N LEU A 258 13.17 11.47 8.23
CA LEU A 258 14.23 10.49 8.38
C LEU A 258 15.53 11.08 7.86
N PHE A 259 16.55 11.13 8.73
CA PHE A 259 17.90 11.53 8.36
C PHE A 259 18.70 10.28 8.01
N MET A 260 19.40 10.32 6.88
CA MET A 260 20.12 9.15 6.38
C MET A 260 21.47 9.59 5.83
N GLU A 261 22.54 9.01 6.35
CA GLU A 261 23.90 9.29 5.89
C GLU A 261 24.35 8.11 5.03
N PHE A 262 24.22 8.27 3.71
CA PHE A 262 24.67 7.24 2.78
C PHE A 262 24.85 7.81 1.37
N PRO A 263 26.03 7.62 0.75
CA PRO A 263 27.23 7.04 1.33
C PRO A 263 27.80 7.97 2.40
N ARG A 264 28.96 7.63 2.94
CA ARG A 264 29.58 8.48 3.95
C ARG A 264 29.73 9.90 3.42
N GLY A 265 29.38 10.88 4.25
CA GLY A 265 29.47 12.27 3.85
C GLY A 265 28.34 12.79 3.01
N LYS A 266 27.31 11.98 2.77
CA LYS A 266 26.10 12.43 2.09
C LYS A 266 24.92 12.26 3.04
N ILE A 267 24.43 13.36 3.58
CA ILE A 267 23.36 13.35 4.57
C ILE A 267 22.08 13.77 3.88
N HIS A 268 21.14 12.85 3.80
CA HIS A 268 19.85 13.09 3.17
C HIS A 268 18.79 13.26 4.25
N VAL A 269 17.86 14.17 4.00
CA VAL A 269 16.68 14.34 4.82
C VAL A 269 15.47 14.04 3.95
N SER A 270 14.65 13.10 4.39
CA SER A 270 13.43 12.72 3.70
C SER A 270 12.24 13.05 4.58
N MET A 271 11.24 13.73 4.01
CA MET A 271 10.09 14.23 4.75
C MET A 271 8.81 13.80 4.06
N ARG A 272 7.84 13.36 4.86
CA ARG A 272 6.52 13.00 4.36
C ARG A 272 5.49 13.58 5.31
N SER A 273 4.46 14.20 4.75
CA SER A 273 3.39 14.77 5.56
C SER A 273 2.05 14.17 5.15
N LYS A 274 1.08 14.33 6.05
CA LYS A 274 -0.17 13.58 5.98
C LYS A 274 -1.31 14.41 5.40
N ASP A 275 -1.65 15.53 6.04
CA ASP A 275 -2.88 16.25 5.73
C ASP A 275 -2.67 17.67 5.22
N TRP A 276 -1.69 18.42 5.75
CA TRP A 276 -1.64 19.83 5.37
C TRP A 276 -0.26 20.47 5.30
N PHE A 277 0.73 19.93 5.99
CA PHE A 277 2.03 20.61 6.09
C PHE A 277 2.82 20.47 4.78
N ASN A 278 3.23 21.62 4.21
CA ASN A 278 3.96 21.66 2.95
C ASN A 278 5.44 21.40 3.19
N VAL A 279 5.84 20.13 3.08
CA VAL A 279 7.24 19.80 3.32
C VAL A 279 8.16 20.27 2.19
N ASN A 280 7.61 20.56 1.01
CA ASN A 280 8.45 21.05 -0.08
C ASN A 280 8.94 22.47 0.20
N GLU A 281 8.16 23.28 0.92
CA GLU A 281 8.63 24.59 1.32
C GLU A 281 9.85 24.48 2.24
N VAL A 282 9.76 23.58 3.22
CA VAL A 282 10.89 23.35 4.12
C VAL A 282 12.10 22.88 3.32
N ALA A 283 11.91 21.85 2.50
CA ALA A 283 13.01 21.31 1.70
C ALA A 283 13.62 22.37 0.80
N PHE A 284 12.78 23.16 0.12
CA PHE A 284 13.29 24.19 -0.78
C PHE A 284 14.20 25.15 -0.03
N GLU A 285 13.73 25.66 1.12
CA GLU A 285 14.51 26.61 1.89
C GLU A 285 15.83 26.02 2.39
N LEU A 286 15.92 24.70 2.49
CA LEU A 286 17.15 24.04 2.92
C LEU A 286 18.05 23.68 1.75
N GLY A 287 17.62 23.92 0.52
CA GLY A 287 18.40 23.62 -0.67
C GLY A 287 17.93 22.42 -1.46
N GLY A 288 16.76 21.86 -1.14
CA GLY A 288 16.25 20.70 -1.82
C GLY A 288 14.95 20.99 -2.53
N GLY A 289 14.01 20.05 -2.50
CA GLY A 289 12.73 20.26 -3.12
C GLY A 289 11.85 19.03 -3.00
N GLY A 290 10.76 19.04 -3.74
CA GLY A 290 9.84 17.92 -3.72
C GLY A 290 8.42 18.38 -3.97
N HIS A 291 7.50 17.71 -3.29
CA HIS A 291 6.06 17.89 -3.43
C HIS A 291 5.48 18.35 -2.10
N PRO A 292 4.25 18.86 -2.10
CA PRO A 292 3.64 19.32 -0.83
C PRO A 292 3.68 18.28 0.29
N ARG A 293 3.58 16.99 -0.02
CA ARG A 293 3.54 15.96 1.01
C ARG A 293 4.73 15.03 1.00
N ALA A 294 5.73 15.28 0.15
CA ALA A 294 6.92 14.43 0.10
C ALA A 294 8.06 15.25 -0.49
N ALA A 295 9.10 15.45 0.28
CA ALA A 295 10.21 16.29 -0.14
C ALA A 295 11.49 15.83 0.55
N GLY A 296 12.62 16.31 0.05
CA GLY A 296 13.88 15.94 0.65
C GLY A 296 14.96 16.91 0.26
N VAL A 297 16.10 16.76 0.94
CA VAL A 297 17.29 17.55 0.65
C VAL A 297 18.50 16.69 0.94
N THR A 298 19.58 16.93 0.21
CA THR A 298 20.85 16.26 0.42
C THR A 298 21.90 17.31 0.77
N PHE A 299 22.64 17.06 1.83
CA PHE A 299 23.75 17.90 2.25
C PHE A 299 25.06 17.19 2.00
N GLU A 300 26.07 17.95 1.57
CA GLU A 300 27.38 17.40 1.28
C GLU A 300 28.42 18.03 2.21
N GLY A 301 29.31 17.20 2.74
CA GLY A 301 30.40 17.69 3.57
C GLY A 301 29.97 18.22 4.92
N LYS A 302 28.86 17.74 5.45
CA LYS A 302 28.35 18.18 6.74
C LYS A 302 28.46 17.05 7.76
N LYS A 303 28.23 17.40 9.02
CA LYS A 303 28.21 16.44 10.11
C LYS A 303 26.77 16.16 10.50
N ILE A 304 26.42 14.88 10.57
CA ILE A 304 25.02 14.52 10.85
C ILE A 304 24.58 15.06 12.20
N GLU A 305 25.50 15.13 13.17
CA GLU A 305 25.14 15.63 14.49
C GLU A 305 24.86 17.12 14.50
N GLU A 306 25.27 17.83 13.45
CA GLU A 306 24.92 19.24 13.27
C GLU A 306 23.72 19.42 12.35
N VAL A 307 23.57 18.58 11.32
CA VAL A 307 22.45 18.70 10.40
C VAL A 307 21.13 18.44 11.11
N ILE A 308 21.08 17.41 11.95
CA ILE A 308 19.83 16.99 12.58
C ILE A 308 19.21 18.14 13.39
N PRO A 309 19.92 18.73 14.37
CA PRO A 309 19.27 19.78 15.16
C PRO A 309 18.93 21.02 14.37
N ARG A 310 19.71 21.38 13.34
CA ARG A 310 19.39 22.57 12.56
C ARG A 310 18.17 22.35 11.69
N VAL A 311 18.06 21.17 11.08
CA VAL A 311 16.90 20.88 10.24
C VAL A 311 15.64 20.81 11.09
N ILE A 312 15.72 20.11 12.23
CA ILE A 312 14.60 20.07 13.16
C ILE A 312 14.18 21.47 13.54
N ASN A 313 15.16 22.32 13.89
CA ASN A 313 14.84 23.69 14.26
C ASN A 313 14.07 24.39 13.14
N HIS A 314 14.55 24.28 11.91
CA HIS A 314 13.86 24.93 10.81
C HIS A 314 12.51 24.30 10.55
N LEU A 315 12.43 22.97 10.62
CA LEU A 315 11.14 22.29 10.47
C LEU A 315 10.14 22.80 11.50
N LEU A 316 10.56 22.91 12.76
CA LEU A 316 9.66 23.39 13.80
C LEU A 316 9.24 24.83 13.54
N LYS A 317 10.16 25.68 13.13
CA LYS A 317 9.81 27.04 12.74
C LYS A 317 8.70 27.03 11.68
N LYS A 318 8.90 26.26 10.62
CA LYS A 318 7.95 26.24 9.52
C LYS A 318 6.64 25.58 9.93
N PHE A 319 6.71 24.56 10.78
CA PHE A 319 5.51 23.90 11.26
C PHE A 319 4.60 24.89 11.99
N LYS A 320 5.19 25.71 12.87
CA LYS A 320 4.37 26.69 13.59
C LYS A 320 3.85 27.78 12.68
N GLU A 321 4.60 28.13 11.62
CA GLU A 321 4.12 29.11 10.66
C GLU A 321 3.01 28.55 9.79
N GLY A 322 2.98 27.23 9.59
CA GLY A 322 2.00 26.60 8.72
C GLY A 322 0.56 26.82 9.13
N GLY B 3 -26.94 -20.64 -6.79
CA GLY B 3 -28.39 -20.66 -6.45
C GLY B 3 -29.15 -19.50 -7.05
N SER B 4 -28.78 -18.28 -6.67
CA SER B 4 -29.44 -17.08 -7.14
C SER B 4 -28.43 -16.12 -7.77
N GLY B 5 -28.94 -15.24 -8.64
CA GLY B 5 -28.16 -14.19 -9.24
C GLY B 5 -28.54 -12.83 -8.68
N MET B 6 -27.79 -11.81 -9.13
CA MET B 6 -28.03 -10.47 -8.62
C MET B 6 -29.46 -10.02 -8.88
N ASP B 7 -29.99 -10.31 -10.07
CA ASP B 7 -31.33 -9.86 -10.41
C ASP B 7 -32.36 -10.39 -9.42
N GLU B 8 -32.22 -11.67 -9.04
CA GLU B 8 -33.13 -12.24 -8.06
C GLU B 8 -32.99 -11.56 -6.70
N ILE B 9 -31.75 -11.23 -6.31
CA ILE B 9 -31.53 -10.53 -5.05
C ILE B 9 -32.16 -9.15 -5.09
N VAL B 10 -31.96 -8.42 -6.19
CA VAL B 10 -32.53 -7.09 -6.32
C VAL B 10 -34.03 -7.14 -6.16
N LYS B 11 -34.67 -8.15 -6.73
CA LYS B 11 -36.12 -8.26 -6.64
C LYS B 11 -36.55 -8.59 -5.22
N VAL B 12 -35.82 -9.48 -4.54
CA VAL B 12 -36.13 -9.80 -3.16
C VAL B 12 -35.99 -8.57 -2.27
N LEU B 13 -34.94 -7.78 -2.49
CA LEU B 13 -34.77 -6.56 -1.70
C LEU B 13 -35.91 -5.58 -1.96
N SER B 14 -36.39 -5.50 -3.20
CA SER B 14 -37.46 -4.58 -3.50
C SER B 14 -38.78 -5.02 -2.86
N GLN B 15 -38.95 -6.32 -2.60
CA GLN B 15 -40.22 -6.83 -2.08
C GLN B 15 -40.39 -6.66 -0.57
N HIS B 16 -39.34 -6.28 0.16
CA HIS B 16 -39.39 -6.22 1.62
C HIS B 16 -39.00 -4.82 2.08
N ASP B 17 -39.57 -4.39 3.21
CA ASP B 17 -39.31 -3.04 3.71
C ASP B 17 -38.49 -3.00 5.00
N ARG B 18 -38.71 -3.93 5.94
CA ARG B 18 -37.98 -3.94 7.20
C ARG B 18 -36.84 -4.96 7.09
N ILE B 19 -35.62 -4.46 6.92
CA ILE B 19 -34.48 -5.28 6.54
C ILE B 19 -33.37 -5.12 7.56
N LEU B 20 -32.86 -6.24 8.07
CA LEU B 20 -31.68 -6.24 8.94
C LEU B 20 -30.50 -6.72 8.11
N VAL B 21 -29.47 -5.88 8.00
CA VAL B 21 -28.24 -6.20 7.29
C VAL B 21 -27.21 -6.64 8.32
N VAL B 22 -26.70 -7.87 8.17
CA VAL B 22 -25.80 -8.47 9.14
C VAL B 22 -24.48 -8.81 8.46
N GLY B 23 -23.37 -8.51 9.13
CA GLY B 23 -22.05 -8.90 8.70
C GLY B 23 -21.44 -9.93 9.63
N HIS B 24 -20.19 -10.29 9.33
CA HIS B 24 -19.52 -11.35 10.06
C HIS B 24 -18.74 -10.78 11.25
N ILE B 25 -18.59 -11.62 12.28
CA ILE B 25 -17.87 -11.27 13.49
C ILE B 25 -16.40 -11.03 13.16
N MET B 26 -15.67 -10.40 14.09
CA MET B 26 -14.32 -9.92 13.80
C MET B 26 -14.34 -9.15 12.49
N PRO B 27 -15.02 -8.01 12.45
CA PRO B 27 -15.27 -7.32 11.18
C PRO B 27 -14.02 -6.67 10.62
N ASP B 28 -13.80 -6.87 9.32
CA ASP B 28 -12.72 -6.23 8.59
C ASP B 28 -13.30 -5.13 7.70
N GLY B 29 -12.46 -4.55 6.84
CA GLY B 29 -12.89 -3.46 5.99
C GLY B 29 -14.03 -3.84 5.07
N ASP B 30 -13.96 -5.03 4.48
CA ASP B 30 -14.98 -5.44 3.52
C ASP B 30 -16.32 -5.66 4.23
N CYS B 31 -16.26 -6.18 5.46
CA CYS B 31 -17.49 -6.37 6.23
C CYS B 31 -18.16 -5.04 6.52
N VAL B 32 -17.41 -4.10 7.11
CA VAL B 32 -17.95 -2.77 7.40
C VAL B 32 -18.44 -2.10 6.12
N SER B 33 -17.62 -2.17 5.07
CA SER B 33 -17.97 -1.55 3.79
C SER B 33 -19.26 -2.14 3.23
N SER B 34 -19.37 -3.46 3.22
CA SER B 34 -20.53 -4.09 2.61
C SER B 34 -21.79 -3.86 3.44
N VAL B 35 -21.65 -3.91 4.77
CA VAL B 35 -22.79 -3.69 5.66
C VAL B 35 -23.33 -2.27 5.47
N LEU B 36 -22.46 -1.27 5.59
CA LEU B 36 -22.93 0.11 5.55
C LEU B 36 -23.35 0.54 4.14
N SER B 37 -22.63 0.08 3.12
CA SER B 37 -22.99 0.48 1.76
C SER B 37 -24.37 -0.02 1.40
N LEU B 38 -24.70 -1.27 1.76
CA LEU B 38 -26.04 -1.78 1.48
C LEU B 38 -27.09 -1.12 2.37
N THR B 39 -26.78 -0.96 3.66
CA THR B 39 -27.73 -0.31 4.56
C THR B 39 -28.11 1.07 4.06
N LEU B 40 -27.11 1.88 3.73
CA LEU B 40 -27.36 3.24 3.26
C LEU B 40 -28.10 3.25 1.93
N GLY B 41 -27.73 2.34 1.02
CA GLY B 41 -28.45 2.24 -0.24
C GLY B 41 -29.91 1.95 -0.03
N LEU B 42 -30.21 0.93 0.80
CA LEU B 42 -31.60 0.58 1.07
C LEU B 42 -32.33 1.73 1.77
N GLU B 43 -31.65 2.45 2.65
CA GLU B 43 -32.28 3.59 3.32
C GLU B 43 -32.63 4.67 2.32
N LYS B 44 -31.77 4.90 1.33
CA LYS B 44 -32.06 5.90 0.31
C LYS B 44 -33.32 5.54 -0.47
N LEU B 45 -33.63 4.25 -0.58
CA LEU B 45 -34.87 3.80 -1.22
C LEU B 45 -36.09 3.94 -0.32
N GLY B 46 -35.93 4.39 0.91
CA GLY B 46 -37.03 4.48 1.84
C GLY B 46 -37.30 3.24 2.66
N LYS B 47 -36.41 2.25 2.62
CA LYS B 47 -36.63 1.06 3.42
C LYS B 47 -36.30 1.33 4.89
N GLU B 48 -36.90 0.55 5.77
CA GLU B 48 -36.60 0.62 7.21
C GLU B 48 -35.51 -0.40 7.48
N VAL B 49 -34.28 0.07 7.68
CA VAL B 49 -33.11 -0.78 7.70
C VAL B 49 -32.33 -0.57 9.00
N LYS B 50 -31.77 -1.67 9.52
CA LYS B 50 -30.79 -1.61 10.59
C LYS B 50 -29.60 -2.48 10.21
N ALA B 51 -28.43 -2.08 10.70
CA ALA B 51 -27.18 -2.78 10.44
C ALA B 51 -26.67 -3.40 11.73
N ALA B 52 -26.17 -4.62 11.65
CA ALA B 52 -25.74 -5.34 12.84
C ALA B 52 -24.51 -6.20 12.59
N VAL B 53 -23.57 -6.15 13.53
CA VAL B 53 -22.46 -7.09 13.61
C VAL B 53 -22.31 -7.48 15.07
N ASP B 54 -22.22 -8.79 15.34
CA ASP B 54 -22.13 -9.29 16.71
C ASP B 54 -20.69 -9.26 17.21
N TYR B 55 -20.13 -8.05 17.27
CA TYR B 55 -18.73 -7.87 17.61
C TYR B 55 -18.45 -6.39 17.69
N LYS B 56 -17.52 -6.00 18.55
CA LYS B 56 -17.15 -4.60 18.66
C LYS B 56 -16.49 -4.15 17.38
N ILE B 57 -16.91 -3.00 16.87
CA ILE B 57 -16.33 -2.43 15.65
C ILE B 57 -14.98 -1.82 16.01
N PRO B 58 -13.89 -2.17 15.31
CA PRO B 58 -12.57 -1.66 15.66
C PRO B 58 -12.46 -0.15 15.60
N TYR B 59 -11.47 0.37 16.32
CA TYR B 59 -11.29 1.81 16.44
C TYR B 59 -10.92 2.48 15.11
N VAL B 60 -10.29 1.75 14.18
CA VAL B 60 -9.85 2.38 12.94
C VAL B 60 -11.01 2.89 12.11
N PHE B 61 -12.23 2.44 12.38
CA PHE B 61 -13.41 2.89 11.64
C PHE B 61 -14.08 4.10 12.27
N GLU B 62 -13.52 4.66 13.34
CA GLU B 62 -14.26 5.61 14.17
C GLU B 62 -14.67 6.87 13.41
N LYS B 63 -13.83 7.33 12.49
CA LYS B 63 -14.12 8.56 11.76
C LYS B 63 -15.03 8.34 10.55
N PHE B 64 -15.32 7.09 10.21
CA PHE B 64 -16.03 6.85 8.97
C PHE B 64 -17.46 7.36 9.07
N PRO B 65 -18.01 7.94 8.00
CA PRO B 65 -19.42 8.35 8.03
C PRO B 65 -20.35 7.18 8.32
N TYR B 66 -21.33 7.42 9.18
CA TYR B 66 -22.41 6.48 9.48
C TYR B 66 -21.92 5.22 10.19
N ILE B 67 -20.71 5.20 10.76
CA ILE B 67 -20.25 3.99 11.41
C ILE B 67 -21.13 3.66 12.61
N ASP B 68 -21.80 4.67 13.17
CA ASP B 68 -22.71 4.47 14.28
C ASP B 68 -23.90 3.61 13.92
N LYS B 69 -24.20 3.47 12.63
CA LYS B 69 -25.37 2.70 12.22
C LYS B 69 -25.18 1.21 12.46
N ILE B 70 -23.95 0.72 12.56
CA ILE B 70 -23.72 -0.68 12.87
C ILE B 70 -23.94 -0.88 14.36
N GLU B 71 -24.82 -1.82 14.71
CA GLU B 71 -25.20 -2.08 16.08
C GLU B 71 -24.75 -3.47 16.50
N GLU B 72 -24.43 -3.63 17.77
CA GLU B 72 -24.14 -4.94 18.32
C GLU B 72 -25.40 -5.62 18.84
N ASN B 73 -26.34 -4.85 19.37
CA ASN B 73 -27.52 -5.38 20.05
C ASN B 73 -28.77 -4.69 19.52
N PRO B 74 -29.06 -4.79 18.23
CA PRO B 74 -30.23 -4.11 17.70
C PRO B 74 -31.51 -4.70 18.27
N ASN B 75 -32.50 -3.83 18.44
CA ASN B 75 -33.85 -4.26 18.76
C ASN B 75 -34.69 -3.99 17.52
N PHE B 76 -35.10 -5.05 16.85
CA PHE B 76 -35.66 -4.92 15.52
C PHE B 76 -36.47 -6.17 15.19
N ASP B 77 -37.52 -5.98 14.41
CA ASP B 77 -38.40 -7.05 13.96
C ASP B 77 -38.39 -7.06 12.43
N PRO B 78 -37.36 -7.66 11.83
CA PRO B 78 -37.21 -7.57 10.38
C PRO B 78 -38.12 -8.53 9.62
N GLU B 79 -38.47 -8.12 8.41
CA GLU B 79 -39.09 -9.01 7.43
C GLU B 79 -38.06 -9.81 6.66
N LEU B 80 -36.84 -9.30 6.55
CA LEU B 80 -35.82 -9.90 5.72
C LEU B 80 -34.46 -9.70 6.38
N LEU B 81 -33.68 -10.76 6.38
CA LEU B 81 -32.30 -10.76 6.84
C LEU B 81 -31.38 -10.82 5.63
N VAL B 82 -30.46 -9.87 5.53
CA VAL B 82 -29.47 -9.86 4.46
C VAL B 82 -28.09 -10.05 5.10
N VAL B 83 -27.47 -11.18 4.81
CA VAL B 83 -26.18 -11.55 5.39
C VAL B 83 -25.11 -11.32 4.32
N VAL B 84 -24.16 -10.44 4.61
CA VAL B 84 -23.15 -10.05 3.63
C VAL B 84 -21.76 -10.45 4.12
N ASP B 85 -20.95 -10.96 3.21
CA ASP B 85 -19.52 -11.20 3.41
C ASP B 85 -19.25 -12.30 4.44
N ALA B 86 -20.24 -13.15 4.72
CA ALA B 86 -20.11 -14.20 5.71
C ALA B 86 -20.33 -15.54 5.03
N SER B 87 -19.36 -16.45 5.20
CA SER B 87 -19.37 -17.71 4.46
C SER B 87 -20.20 -18.80 5.11
N SER B 88 -20.52 -18.70 6.39
CA SER B 88 -21.33 -19.72 7.04
C SER B 88 -22.06 -19.11 8.22
N PRO B 89 -23.11 -19.78 8.72
CA PRO B 89 -23.94 -19.17 9.78
C PRO B 89 -23.19 -18.89 11.08
N ASP B 90 -22.22 -19.71 11.46
CA ASP B 90 -21.52 -19.46 12.71
C ASP B 90 -20.76 -18.14 12.68
N ARG B 91 -20.49 -17.61 11.49
CA ARG B 91 -19.68 -16.42 11.33
C ARG B 91 -20.46 -15.12 11.54
N ILE B 92 -21.77 -15.20 11.79
CA ILE B 92 -22.55 -14.01 12.13
C ILE B 92 -22.95 -14.00 13.60
N GLY B 93 -22.42 -14.92 14.39
CA GLY B 93 -22.68 -14.90 15.82
C GLY B 93 -24.14 -15.14 16.12
N LYS B 94 -24.64 -14.41 17.13
CA LYS B 94 -25.96 -14.66 17.67
C LYS B 94 -27.08 -14.43 16.67
N PHE B 95 -26.79 -13.81 15.52
CA PHE B 95 -27.84 -13.56 14.54
C PHE B 95 -28.18 -14.78 13.72
N GLN B 96 -27.37 -15.84 13.77
CA GLN B 96 -27.76 -17.08 13.12
C GLN B 96 -29.05 -17.64 13.68
N ASP B 97 -29.40 -17.26 14.92
CA ASP B 97 -30.67 -17.70 15.49
C ASP B 97 -31.88 -17.09 14.79
N LEU B 98 -31.68 -16.11 13.91
CA LEU B 98 -32.78 -15.58 13.11
C LEU B 98 -32.98 -16.36 11.83
N LEU B 99 -32.05 -17.24 11.46
CA LEU B 99 -32.08 -17.85 10.14
C LEU B 99 -33.29 -18.75 9.94
N ASP B 100 -33.76 -19.41 10.99
CA ASP B 100 -34.95 -20.24 10.86
C ASP B 100 -36.23 -19.48 11.17
N LYS B 101 -36.13 -18.18 11.46
CA LYS B 101 -37.30 -17.37 11.80
C LYS B 101 -37.60 -16.30 10.78
N VAL B 102 -36.63 -15.90 9.97
CA VAL B 102 -36.78 -14.77 9.06
C VAL B 102 -36.20 -15.16 7.70
N PRO B 103 -36.88 -14.87 6.59
CA PRO B 103 -36.28 -15.13 5.28
C PRO B 103 -34.95 -14.41 5.15
N SER B 104 -33.99 -15.05 4.47
CA SER B 104 -32.64 -14.54 4.44
C SER B 104 -32.09 -14.48 3.02
N VAL B 105 -31.30 -13.44 2.77
CA VAL B 105 -30.50 -13.31 1.56
C VAL B 105 -29.03 -13.41 1.98
N VAL B 106 -28.23 -14.08 1.15
CA VAL B 106 -26.79 -14.16 1.33
C VAL B 106 -26.13 -13.53 0.12
N ILE B 107 -25.19 -12.62 0.37
CA ILE B 107 -24.35 -12.00 -0.66
C ILE B 107 -22.91 -12.14 -0.20
N ASP B 108 -22.10 -12.86 -0.99
CA ASP B 108 -20.75 -13.19 -0.55
C ASP B 108 -19.87 -13.46 -1.76
N HIS B 109 -18.56 -13.28 -1.57
CA HIS B 109 -17.57 -13.62 -2.58
C HIS B 109 -16.70 -14.80 -2.18
N HIS B 110 -16.98 -15.45 -1.05
CA HIS B 110 -16.16 -16.56 -0.58
C HIS B 110 -16.65 -17.86 -1.22
N SER B 111 -15.72 -18.56 -1.87
CA SER B 111 -16.05 -19.82 -2.53
C SER B 111 -16.51 -20.88 -1.55
N THR B 112 -16.11 -20.77 -0.29
CA THR B 112 -16.49 -21.71 0.76
C THR B 112 -17.90 -21.47 1.29
N ASN B 113 -18.61 -20.47 0.78
CA ASN B 113 -19.94 -20.15 1.28
C ASN B 113 -20.84 -21.38 1.21
N THR B 114 -21.53 -21.66 2.32
CA THR B 114 -22.39 -22.83 2.42
C THR B 114 -23.77 -22.61 1.81
N ASN B 115 -24.06 -21.42 1.29
CA ASN B 115 -25.36 -21.11 0.70
C ASN B 115 -26.48 -21.36 1.71
N PHE B 116 -26.33 -20.78 2.90
CA PHE B 116 -27.24 -20.98 4.01
C PHE B 116 -28.45 -20.05 3.98
N GLY B 117 -28.65 -19.29 2.90
CA GLY B 117 -29.75 -18.37 2.80
C GLY B 117 -30.88 -18.92 1.94
N ASN B 118 -32.07 -18.32 2.12
CA ASN B 118 -33.17 -18.62 1.22
C ASN B 118 -32.85 -18.19 -0.20
N TRP B 119 -32.10 -17.11 -0.36
CA TRP B 119 -31.55 -16.68 -1.63
C TRP B 119 -30.06 -16.46 -1.42
N ASN B 120 -29.25 -16.95 -2.36
CA ASN B 120 -27.79 -16.91 -2.22
C ASN B 120 -27.19 -16.41 -3.52
N TRP B 121 -26.51 -15.27 -3.46
CA TRP B 121 -25.71 -14.77 -4.57
C TRP B 121 -24.26 -14.83 -4.11
N VAL B 122 -23.54 -15.84 -4.59
CA VAL B 122 -22.16 -16.10 -4.21
C VAL B 122 -21.35 -16.15 -5.49
N ASP B 123 -20.34 -15.29 -5.59
CA ASP B 123 -19.52 -15.19 -6.80
C ASP B 123 -18.08 -14.92 -6.41
N PRO B 124 -17.23 -15.95 -6.37
CA PRO B 124 -15.84 -15.74 -5.92
C PRO B 124 -14.96 -15.00 -6.93
N SER B 125 -15.44 -14.72 -8.13
CA SER B 125 -14.62 -13.92 -9.04
C SER B 125 -14.50 -12.47 -8.57
N PHE B 126 -15.33 -12.05 -7.62
CA PHE B 126 -15.19 -10.73 -7.03
C PHE B 126 -14.14 -10.76 -5.93
N ALA B 127 -13.33 -9.71 -5.86
CA ALA B 127 -12.32 -9.61 -4.82
C ALA B 127 -12.92 -9.22 -3.47
N ALA B 128 -14.05 -8.53 -3.47
CA ALA B 128 -14.64 -8.01 -2.24
C ALA B 128 -16.15 -8.05 -2.36
N THR B 129 -16.82 -8.38 -1.26
CA THR B 129 -18.28 -8.30 -1.25
C THR B 129 -18.74 -6.89 -1.59
N ALA B 130 -17.94 -5.88 -1.24
CA ALA B 130 -18.30 -4.50 -1.55
C ALA B 130 -18.53 -4.30 -3.04
N GLN B 131 -17.80 -5.04 -3.90
CA GLN B 131 -18.05 -4.96 -5.34
C GLN B 131 -19.45 -5.43 -5.68
N MET B 132 -19.93 -6.45 -4.97
CA MET B 132 -21.28 -6.96 -5.22
C MET B 132 -22.34 -6.00 -4.73
N ILE B 133 -22.10 -5.35 -3.57
CA ILE B 133 -23.01 -4.34 -3.06
C ILE B 133 -23.07 -3.15 -3.99
N PHE B 134 -21.91 -2.75 -4.54
CA PHE B 134 -21.88 -1.65 -5.49
C PHE B 134 -22.83 -1.91 -6.65
N ARG B 135 -22.81 -3.14 -7.17
CA ARG B 135 -23.65 -3.49 -8.31
C ARG B 135 -25.12 -3.58 -7.92
N ILE B 136 -25.41 -4.08 -6.72
CA ILE B 136 -26.80 -4.12 -6.24
C ILE B 136 -27.35 -2.71 -6.11
N ASN B 137 -26.59 -1.81 -5.47
CA ASN B 137 -27.05 -0.44 -5.29
C ASN B 137 -27.32 0.23 -6.64
N LYS B 138 -26.44 0.00 -7.62
CA LYS B 138 -26.66 0.54 -8.95
C LYS B 138 -27.95 0.02 -9.55
N ALA B 139 -28.18 -1.29 -9.43
CA ALA B 139 -29.38 -1.91 -9.97
C ALA B 139 -30.63 -1.38 -9.29
N LEU B 140 -30.52 -0.96 -8.03
CA LEU B 140 -31.63 -0.40 -7.29
C LEU B 140 -31.83 1.09 -7.55
N GLY B 141 -30.93 1.73 -8.29
CA GLY B 141 -31.05 3.16 -8.53
C GLY B 141 -30.58 4.03 -7.38
N VAL B 142 -29.59 3.59 -6.61
CA VAL B 142 -29.06 4.37 -5.50
C VAL B 142 -28.11 5.42 -6.06
N GLU B 143 -28.40 6.69 -5.80
CA GLU B 143 -27.48 7.77 -6.16
C GLU B 143 -26.39 7.89 -5.10
N TYR B 144 -25.14 7.71 -5.51
CA TYR B 144 -24.02 7.82 -4.59
C TYR B 144 -23.65 9.28 -4.34
N ASP B 145 -23.42 9.60 -3.07
CA ASP B 145 -22.72 10.82 -2.71
C ASP B 145 -21.32 10.45 -2.25
N SER B 146 -20.54 11.45 -1.86
CA SER B 146 -19.14 11.21 -1.50
C SER B 146 -19.02 10.26 -0.32
N ASN B 147 -19.93 10.36 0.64
CA ASN B 147 -19.87 9.50 1.83
C ASN B 147 -20.14 8.04 1.47
N LEU B 148 -21.19 7.78 0.69
CA LEU B 148 -21.46 6.41 0.28
C LEU B 148 -20.35 5.86 -0.61
N ALA B 149 -19.82 6.69 -1.50
CA ALA B 149 -18.71 6.26 -2.34
C ALA B 149 -17.50 5.87 -1.50
N THR B 150 -17.18 6.67 -0.47
CA THR B 150 -16.06 6.33 0.40
C THR B 150 -16.33 5.01 1.12
N LEU B 151 -17.54 4.81 1.63
CA LEU B 151 -17.85 3.59 2.35
C LEU B 151 -17.78 2.36 1.44
N ASN B 152 -18.17 2.51 0.17
CA ASN B 152 -18.14 1.36 -0.75
C ASN B 152 -16.72 1.12 -1.26
N TYR B 153 -15.93 2.18 -1.41
CA TYR B 153 -14.52 2.03 -1.79
C TYR B 153 -13.75 1.26 -0.71
N LEU B 154 -14.10 1.46 0.55
CA LEU B 154 -13.36 0.87 1.68
C LEU B 154 -13.11 -0.63 1.48
N GLY B 155 -14.16 -1.39 1.15
CA GLY B 155 -14.03 -2.83 1.13
C GLY B 155 -13.23 -3.34 -0.05
N ILE B 156 -13.31 -2.64 -1.18
CA ILE B 156 -12.52 -3.00 -2.35
C ILE B 156 -11.04 -2.79 -2.06
N ALA B 157 -10.70 -1.68 -1.40
CA ALA B 157 -9.32 -1.42 -0.99
C ALA B 157 -8.83 -2.50 -0.02
N THR B 158 -9.51 -2.68 1.12
CA THR B 158 -8.96 -3.56 2.15
C THR B 158 -8.88 -5.00 1.67
N ASP B 159 -9.92 -5.49 0.98
CA ASP B 159 -9.92 -6.89 0.55
C ASP B 159 -8.93 -7.18 -0.56
N THR B 160 -8.36 -6.18 -1.22
CA THR B 160 -7.26 -6.37 -2.17
C THR B 160 -5.92 -5.96 -1.60
N GLY B 161 -5.83 -5.72 -0.30
CA GLY B 161 -4.58 -5.22 0.27
C GLY B 161 -4.21 -3.87 -0.30
N PHE B 162 -5.19 -3.02 -0.56
CA PHE B 162 -4.98 -1.74 -1.24
C PHE B 162 -4.30 -1.96 -2.60
N PHE B 163 -4.91 -2.84 -3.39
CA PHE B 163 -4.57 -3.04 -4.80
C PHE B 163 -3.22 -3.73 -4.98
N ARG B 164 -2.88 -4.60 -4.02
CA ARG B 164 -1.62 -5.34 -4.02
C ARG B 164 -1.77 -6.84 -4.19
N HIS B 165 -2.93 -7.40 -3.83
CA HIS B 165 -3.08 -8.85 -3.87
C HIS B 165 -3.38 -9.30 -5.30
N SER B 166 -3.28 -10.62 -5.51
CA SER B 166 -3.46 -11.18 -6.85
C SER B 166 -4.87 -11.01 -7.38
N ASN B 167 -5.83 -10.65 -6.52
CA ASN B 167 -7.21 -10.47 -6.94
C ASN B 167 -7.50 -9.07 -7.48
N ALA B 168 -6.52 -8.18 -7.50
CA ALA B 168 -6.74 -6.80 -7.99
C ALA B 168 -6.67 -6.82 -9.52
N ASP B 169 -7.79 -7.22 -10.13
CA ASP B 169 -7.89 -7.34 -11.58
C ASP B 169 -8.51 -6.06 -12.16
N VAL B 170 -8.79 -6.08 -13.47
CA VAL B 170 -9.26 -4.86 -14.13
C VAL B 170 -10.57 -4.40 -13.53
N ARG B 171 -11.44 -5.33 -13.15
CA ARG B 171 -12.75 -4.96 -12.62
C ARG B 171 -12.61 -4.26 -11.27
N VAL B 172 -11.66 -4.71 -10.44
CA VAL B 172 -11.36 -4.02 -9.19
C VAL B 172 -10.95 -2.58 -9.48
N PHE B 173 -10.02 -2.40 -10.42
CA PHE B 173 -9.53 -1.05 -10.70
C PHE B 173 -10.62 -0.20 -11.35
N GLU B 174 -11.47 -0.82 -12.17
CA GLU B 174 -12.61 -0.08 -12.71
C GLU B 174 -13.55 0.37 -11.60
N ASP B 175 -13.88 -0.53 -10.69
CA ASP B 175 -14.76 -0.16 -9.58
C ASP B 175 -14.16 0.97 -8.75
N ALA B 176 -12.87 0.89 -8.44
CA ALA B 176 -12.23 1.93 -7.65
C ALA B 176 -12.29 3.26 -8.38
N TYR B 177 -11.97 3.25 -9.68
CA TYR B 177 -12.04 4.47 -10.49
C TYR B 177 -13.44 5.05 -10.46
N LYS B 178 -14.46 4.22 -10.67
CA LYS B 178 -15.83 4.70 -10.64
C LYS B 178 -16.15 5.37 -9.31
N LEU B 179 -15.72 4.76 -8.20
CA LEU B 179 -16.08 5.25 -6.88
C LEU B 179 -15.35 6.54 -6.53
N VAL B 180 -14.04 6.59 -6.84
CA VAL B 180 -13.31 7.84 -6.62
C VAL B 180 -13.92 8.96 -7.46
N LYS B 181 -14.36 8.63 -8.68
CA LYS B 181 -15.00 9.64 -9.52
C LYS B 181 -16.27 10.18 -8.86
N MET B 182 -16.96 9.35 -8.09
CA MET B 182 -18.15 9.78 -7.36
C MET B 182 -17.83 10.38 -5.99
N GLY B 183 -16.55 10.57 -5.67
CA GLY B 183 -16.16 11.28 -4.47
C GLY B 183 -15.54 10.44 -3.39
N ALA B 184 -15.30 9.15 -3.64
CA ALA B 184 -14.64 8.32 -2.63
C ALA B 184 -13.29 8.93 -2.26
N ASP B 185 -13.06 9.09 -0.96
CA ASP B 185 -11.84 9.72 -0.46
C ASP B 185 -10.82 8.62 -0.18
N ALA B 186 -10.04 8.28 -1.21
CA ALA B 186 -9.09 7.18 -1.10
C ALA B 186 -8.03 7.47 -0.05
N HIS B 187 -7.61 8.74 0.07
CA HIS B 187 -6.61 9.09 1.05
C HIS B 187 -7.14 8.91 2.46
N PHE B 188 -8.37 9.37 2.71
CA PHE B 188 -9.01 9.18 4.02
C PHE B 188 -9.01 7.71 4.40
N VAL B 189 -9.45 6.85 3.48
CA VAL B 189 -9.54 5.42 3.76
C VAL B 189 -8.18 4.86 4.14
N ALA B 190 -7.15 5.17 3.34
CA ALA B 190 -5.83 4.63 3.60
C ALA B 190 -5.28 5.14 4.93
N LYS B 191 -5.47 6.42 5.20
CA LYS B 191 -4.98 7.02 6.44
C LYS B 191 -5.62 6.38 7.66
N GLU B 192 -6.93 6.20 7.63
CA GLU B 192 -7.63 5.68 8.80
C GLU B 192 -7.35 4.19 9.00
N ILE B 193 -7.17 3.44 7.91
CA ILE B 193 -6.94 2.00 8.03
C ILE B 193 -5.46 1.70 8.26
N LEU B 194 -4.57 2.42 7.56
CA LEU B 194 -3.16 2.06 7.51
C LEU B 194 -2.25 2.97 8.30
N GLU B 195 -2.67 4.19 8.62
CA GLU B 195 -1.84 5.15 9.32
C GLU B 195 -2.48 5.56 10.64
N ASN B 196 -2.98 4.56 11.37
CA ASN B 196 -3.71 4.74 12.62
C ASN B 196 -3.05 3.96 13.76
N LYS B 197 -1.73 3.83 13.71
CA LYS B 197 -0.99 2.99 14.64
C LYS B 197 -0.53 3.80 15.85
N ARG B 198 -0.73 3.25 17.04
CA ARG B 198 -0.20 3.92 18.23
C ARG B 198 1.32 3.92 18.18
N PHE B 199 1.91 5.03 18.61
CA PHE B 199 3.35 5.13 18.75
C PHE B 199 3.94 3.91 19.46
N GLU B 200 3.27 3.46 20.51
CA GLU B 200 3.78 2.33 21.29
C GLU B 200 3.93 1.08 20.45
N GLN B 201 3.08 0.90 19.44
CA GLN B 201 3.20 -0.26 18.56
C GLN B 201 4.55 -0.30 17.87
N PHE B 202 5.12 0.86 17.55
CA PHE B 202 6.40 0.89 16.86
C PHE B 202 7.54 0.42 17.76
N LYS B 203 7.48 0.79 19.04
CA LYS B 203 8.50 0.32 19.98
C LYS B 203 8.32 -1.18 20.24
N LEU B 204 7.08 -1.67 20.27
CA LEU B 204 6.84 -3.10 20.38
C LEU B 204 7.40 -3.82 19.15
N PHE B 205 7.09 -3.31 17.95
CA PHE B 205 7.56 -3.96 16.73
C PHE B 205 9.08 -4.05 16.71
N ALA B 206 9.77 -3.06 17.28
CA ALA B 206 11.24 -3.12 17.32
C ALA B 206 11.73 -4.36 18.06
N GLU B 207 11.08 -4.71 19.17
CA GLU B 207 11.44 -5.94 19.87
C GLU B 207 11.17 -7.16 19.00
N VAL B 208 10.03 -7.16 18.31
CA VAL B 208 9.70 -8.26 17.41
C VAL B 208 10.83 -8.46 16.41
N LEU B 209 11.32 -7.35 15.83
CA LEU B 209 12.34 -7.44 14.80
C LEU B 209 13.69 -7.86 15.38
N GLU B 210 13.99 -7.45 16.61
CA GLU B 210 15.24 -7.90 17.22
C GLU B 210 15.21 -9.40 17.50
N ARG B 211 14.03 -9.95 17.80
CA ARG B 211 13.89 -11.38 18.05
C ARG B 211 13.71 -12.19 16.77
N LEU B 212 13.48 -11.52 15.64
CA LEU B 212 13.22 -12.21 14.37
C LEU B 212 14.35 -13.16 14.00
N GLN B 213 13.98 -14.38 13.61
CA GLN B 213 14.95 -15.37 13.13
C GLN B 213 14.40 -16.06 11.89
N LEU B 214 15.32 -16.55 11.06
CA LEU B 214 14.97 -17.31 9.87
C LEU B 214 15.36 -18.77 10.08
N LEU B 215 14.58 -19.66 9.45
CA LEU B 215 14.85 -21.09 9.48
C LEU B 215 14.74 -21.66 8.07
N GLU B 216 15.42 -22.79 7.87
CA GLU B 216 15.29 -23.62 6.67
C GLU B 216 15.53 -22.80 5.39
N ASN B 217 16.79 -22.45 5.18
CA ASN B 217 17.20 -21.73 3.97
C ASN B 217 16.40 -20.44 3.80
N GLY B 218 16.19 -19.74 4.92
CA GLY B 218 15.46 -18.48 4.88
C GLY B 218 14.05 -18.58 4.40
N LYS B 219 13.45 -19.78 4.42
CA LYS B 219 12.08 -19.94 3.96
C LYS B 219 11.05 -19.74 5.06
N ILE B 220 11.46 -19.79 6.33
CA ILE B 220 10.55 -19.62 7.46
C ILE B 220 11.09 -18.52 8.35
N ALA B 221 10.23 -17.56 8.68
CA ALA B 221 10.55 -16.47 9.59
C ALA B 221 9.64 -16.57 10.80
N TYR B 222 10.20 -16.36 12.00
CA TYR B 222 9.36 -16.31 13.17
C TYR B 222 9.92 -15.37 14.22
N SER B 223 9.02 -14.86 15.05
CA SER B 223 9.35 -14.06 16.21
C SER B 223 8.26 -14.31 17.24
N TYR B 224 8.35 -13.61 18.37
CA TYR B 224 7.44 -13.86 19.46
C TYR B 224 7.34 -12.63 20.36
N ILE B 225 6.17 -12.48 20.98
CA ILE B 225 5.93 -11.43 21.97
C ILE B 225 5.43 -12.14 23.21
N ASP B 226 6.24 -12.15 24.28
CA ASP B 226 5.77 -12.63 25.56
C ASP B 226 4.92 -11.55 26.24
N TYR B 227 4.13 -11.98 27.22
CA TYR B 227 3.16 -11.06 27.83
C TYR B 227 3.86 -9.86 28.47
N ASP B 228 4.99 -10.09 29.14
CA ASP B 228 5.68 -8.99 29.80
C ASP B 228 6.21 -7.97 28.79
N THR B 229 6.45 -8.38 27.54
CA THR B 229 6.88 -7.41 26.53
C THR B 229 5.72 -6.54 26.08
N TYR B 230 4.51 -7.11 25.95
CA TYR B 230 3.33 -6.29 25.74
C TYR B 230 3.21 -5.24 26.84
N LEU B 231 3.32 -5.67 28.10
CA LEU B 231 3.18 -4.74 29.21
C LEU B 231 4.24 -3.66 29.18
N ARG B 232 5.49 -4.05 28.90
CA ARG B 232 6.58 -3.09 28.91
C ARG B 232 6.33 -1.93 27.95
N HIS B 233 5.63 -2.19 26.85
CA HIS B 233 5.36 -1.16 25.84
C HIS B 233 3.93 -0.66 25.88
N ASN B 234 3.18 -0.99 26.93
CA ASN B 234 1.81 -0.53 27.08
C ASN B 234 0.99 -0.86 25.84
N CYS B 235 1.07 -2.13 25.45
CA CYS B 235 0.39 -2.63 24.27
C CYS B 235 -0.45 -3.85 24.63
N THR B 236 -1.38 -4.16 23.74
CA THR B 236 -2.20 -5.36 23.79
C THR B 236 -2.09 -6.05 22.44
N ASP B 237 -2.83 -7.14 22.28
CA ASP B 237 -2.87 -7.82 20.98
C ASP B 237 -3.51 -6.97 19.90
N GLU B 238 -4.20 -5.89 20.28
CA GLU B 238 -4.73 -4.96 19.28
C GLU B 238 -3.60 -4.24 18.54
N ASP B 239 -2.46 -4.06 19.20
CA ASP B 239 -1.34 -3.32 18.61
C ASP B 239 -0.50 -4.16 17.66
N SER B 240 -0.59 -5.49 17.74
CA SER B 240 0.32 -6.37 17.01
C SER B 240 -0.36 -7.08 15.83
N ALA B 241 -1.60 -6.71 15.49
CA ALA B 241 -2.38 -7.50 14.53
C ALA B 241 -1.72 -7.56 13.15
N GLY B 242 -1.09 -6.47 12.73
CA GLY B 242 -0.49 -6.44 11.40
C GLY B 242 0.94 -6.92 11.32
N PHE B 243 1.49 -7.45 12.40
CA PHE B 243 2.91 -7.75 12.46
C PHE B 243 3.29 -8.93 11.58
N VAL B 244 2.51 -10.01 11.64
CA VAL B 244 2.93 -11.24 10.96
C VAL B 244 2.96 -11.03 9.45
N GLY B 245 2.00 -10.25 8.90
CA GLY B 245 2.03 -9.95 7.49
C GLY B 245 3.27 -9.21 7.06
N GLU B 246 3.83 -8.38 7.94
CA GLU B 246 5.08 -7.69 7.63
C GLU B 246 6.23 -8.66 7.53
N LEU B 247 6.26 -9.67 8.40
CA LEU B 247 7.34 -10.64 8.38
C LEU B 247 7.31 -11.50 7.12
N ARG B 248 6.14 -11.62 6.49
CA ARG B 248 6.03 -12.38 5.25
C ARG B 248 6.71 -11.67 4.09
N SER B 249 6.91 -10.36 4.19
CA SER B 249 7.47 -9.58 3.09
C SER B 249 8.99 -9.67 3.01
N ILE B 250 9.61 -10.54 3.82
CA ILE B 250 11.03 -10.81 3.70
C ILE B 250 11.30 -11.60 2.42
N ARG B 251 12.30 -11.16 1.67
CA ARG B 251 12.70 -11.84 0.46
C ARG B 251 13.06 -13.30 0.75
N GLY B 252 12.43 -14.21 0.00
CA GLY B 252 12.72 -15.63 0.11
C GLY B 252 11.91 -16.37 1.14
N VAL B 253 11.17 -15.68 2.00
CA VAL B 253 10.39 -16.32 3.04
C VAL B 253 9.08 -16.84 2.44
N GLU B 254 8.78 -18.12 2.71
CA GLU B 254 7.50 -18.69 2.31
C GLU B 254 6.49 -18.71 3.44
N VAL B 255 6.93 -18.80 4.69
CA VAL B 255 6.03 -18.87 5.84
C VAL B 255 6.55 -17.93 6.92
N ALA B 256 5.68 -17.07 7.44
CA ALA B 256 5.95 -16.26 8.61
C ALA B 256 5.08 -16.72 9.77
N VAL B 257 5.66 -16.79 10.96
CA VAL B 257 4.95 -17.23 12.17
C VAL B 257 5.23 -16.25 13.29
N LEU B 258 4.18 -15.82 13.98
CA LEU B 258 4.31 -14.93 15.12
C LEU B 258 3.57 -15.52 16.31
N PHE B 259 4.28 -15.63 17.44
CA PHE B 259 3.72 -16.11 18.70
C PHE B 259 3.40 -14.91 19.59
N MET B 260 2.17 -14.84 20.07
CA MET B 260 1.71 -13.66 20.80
C MET B 260 1.00 -14.10 22.08
N GLU B 261 1.64 -13.83 23.22
CA GLU B 261 1.07 -14.17 24.53
C GLU B 261 0.34 -12.95 25.06
N PHE B 262 -0.99 -12.99 25.00
CA PHE B 262 -1.80 -11.96 25.61
C PHE B 262 -3.22 -12.47 25.79
N PRO B 263 -3.78 -12.45 27.01
CA PRO B 263 -3.13 -12.13 28.28
C PRO B 263 -2.12 -13.21 28.65
N ARG B 264 -1.63 -13.19 29.88
CA ARG B 264 -0.63 -14.17 30.29
C ARG B 264 -1.19 -15.59 30.14
N GLY B 265 -0.34 -16.49 29.64
CA GLY B 265 -0.71 -17.88 29.47
C GLY B 265 -1.49 -18.19 28.21
N LYS B 266 -1.99 -17.19 27.51
CA LYS B 266 -2.75 -17.37 26.28
C LYS B 266 -1.87 -16.98 25.11
N ILE B 267 -1.46 -17.97 24.31
CA ILE B 267 -0.53 -17.75 23.21
C ILE B 267 -1.28 -17.98 21.91
N HIS B 268 -1.49 -16.91 21.14
CA HIS B 268 -2.02 -17.03 19.80
C HIS B 268 -0.86 -17.10 18.81
N VAL B 269 -0.96 -18.03 17.87
CA VAL B 269 0.06 -18.26 16.85
C VAL B 269 -0.56 -17.92 15.50
N SER B 270 -0.03 -16.90 14.82
CA SER B 270 -0.49 -16.53 13.50
C SER B 270 0.53 -16.99 12.46
N MET B 271 0.03 -17.56 11.37
CA MET B 271 0.85 -18.02 10.26
C MET B 271 0.35 -17.41 8.96
N ARG B 272 1.30 -16.97 8.14
CA ARG B 272 1.01 -16.41 6.83
C ARG B 272 1.99 -17.02 5.85
N SER B 273 1.49 -17.47 4.69
CA SER B 273 2.34 -18.02 3.65
C SER B 273 2.17 -17.22 2.35
N LYS B 274 3.09 -17.46 1.43
CA LYS B 274 3.30 -16.59 0.28
C LYS B 274 2.83 -17.26 -1.01
N ASP B 275 3.55 -18.28 -1.48
CA ASP B 275 3.37 -18.79 -2.84
C ASP B 275 2.67 -20.14 -2.89
N TRP B 276 2.93 -21.04 -1.93
CA TRP B 276 2.39 -22.39 -2.11
C TRP B 276 2.03 -23.17 -0.84
N PHE B 277 2.66 -22.87 0.30
CA PHE B 277 2.49 -23.71 1.48
C PHE B 277 1.14 -23.45 2.14
N ASN B 278 0.40 -24.54 2.41
CA ASN B 278 -0.94 -24.46 3.00
C ASN B 278 -0.79 -24.42 4.52
N VAL B 279 -0.82 -23.21 5.09
CA VAL B 279 -0.67 -23.08 6.54
C VAL B 279 -1.93 -23.51 7.28
N ASN B 280 -3.08 -23.57 6.61
CA ASN B 280 -4.29 -24.03 7.29
C ASN B 280 -4.17 -25.49 7.73
N GLU B 281 -3.44 -26.31 6.97
CA GLU B 281 -3.29 -27.71 7.35
C GLU B 281 -2.46 -27.85 8.61
N VAL B 282 -1.35 -27.11 8.70
CA VAL B 282 -0.53 -27.13 9.91
C VAL B 282 -1.32 -26.57 11.08
N ALA B 283 -1.99 -25.44 10.89
CA ALA B 283 -2.79 -24.84 11.95
C ALA B 283 -3.85 -25.81 12.45
N PHE B 284 -4.57 -26.46 11.53
CA PHE B 284 -5.63 -27.37 11.97
C PHE B 284 -5.06 -28.52 12.79
N GLU B 285 -3.93 -29.08 12.36
CA GLU B 285 -3.33 -30.18 13.11
C GLU B 285 -2.83 -29.74 14.48
N LEU B 286 -2.57 -28.45 14.67
CA LEU B 286 -2.16 -27.91 15.95
C LEU B 286 -3.33 -27.44 16.81
N GLY B 287 -4.56 -27.54 16.32
CA GLY B 287 -5.73 -27.19 17.10
C GLY B 287 -6.48 -25.97 16.61
N GLY B 288 -6.09 -25.39 15.48
CA GLY B 288 -6.72 -24.19 14.97
C GLY B 288 -7.24 -24.39 13.56
N GLY B 289 -6.92 -23.46 12.67
CA GLY B 289 -7.28 -23.59 11.28
C GLY B 289 -7.27 -22.23 10.62
N GLY B 290 -7.80 -22.20 9.41
CA GLY B 290 -7.90 -20.97 8.67
C GLY B 290 -7.88 -21.24 7.17
N HIS B 291 -7.22 -20.34 6.45
CA HIS B 291 -7.13 -20.38 5.01
C HIS B 291 -5.75 -20.82 4.55
N PRO B 292 -5.61 -21.23 3.29
CA PRO B 292 -4.31 -21.78 2.84
C PRO B 292 -3.14 -20.82 3.01
N ARG B 293 -3.36 -19.51 2.97
CA ARG B 293 -2.28 -18.54 3.11
C ARG B 293 -2.33 -17.77 4.42
N ALA B 294 -3.34 -18.00 5.25
CA ALA B 294 -3.45 -17.29 6.52
C ALA B 294 -4.26 -18.16 7.47
N ALA B 295 -3.61 -18.60 8.55
CA ALA B 295 -4.27 -19.45 9.53
C ALA B 295 -3.67 -19.16 10.89
N GLY B 296 -4.29 -19.73 11.92
CA GLY B 296 -3.84 -19.48 13.27
C GLY B 296 -4.34 -20.55 14.22
N VAL B 297 -3.73 -20.55 15.39
CA VAL B 297 -4.04 -21.53 16.42
C VAL B 297 -3.74 -20.88 17.77
N THR B 298 -4.59 -21.17 18.74
CA THR B 298 -4.46 -20.59 20.07
C THR B 298 -4.14 -21.69 21.08
N PHE B 299 -3.19 -21.39 21.97
CA PHE B 299 -2.84 -22.25 23.08
C PHE B 299 -3.20 -21.53 24.37
N GLU B 300 -3.89 -22.22 25.27
CA GLU B 300 -4.34 -21.61 26.52
C GLU B 300 -3.69 -22.32 27.70
N GLY B 301 -3.30 -21.53 28.70
CA GLY B 301 -2.74 -22.09 29.92
C GLY B 301 -1.43 -22.81 29.70
N LYS B 302 -0.59 -22.30 28.81
CA LYS B 302 0.68 -22.93 28.50
C LYS B 302 1.80 -21.90 28.55
N LYS B 303 3.02 -22.38 28.41
CA LYS B 303 4.22 -21.55 28.49
C LYS B 303 4.73 -21.28 27.08
N ILE B 304 4.98 -20.00 26.79
CA ILE B 304 5.40 -19.63 25.44
C ILE B 304 6.67 -20.36 25.04
N GLU B 305 7.58 -20.57 26.00
CA GLU B 305 8.84 -21.23 25.68
C GLU B 305 8.65 -22.71 25.38
N GLU B 306 7.48 -23.27 25.69
CA GLU B 306 7.13 -24.63 25.32
C GLU B 306 6.24 -24.69 24.10
N VAL B 307 5.42 -23.66 23.86
CA VAL B 307 4.58 -23.61 22.67
C VAL B 307 5.42 -23.37 21.42
N ILE B 308 6.48 -22.57 21.52
CA ILE B 308 7.29 -22.29 20.33
C ILE B 308 7.90 -23.57 19.76
N PRO B 309 8.64 -24.38 20.52
CA PRO B 309 9.14 -25.65 19.96
C PRO B 309 8.04 -26.53 19.42
N ARG B 310 6.94 -26.65 20.16
CA ARG B 310 5.84 -27.49 19.75
C ARG B 310 5.34 -27.12 18.36
N VAL B 311 5.14 -25.83 18.11
CA VAL B 311 4.63 -25.38 16.82
C VAL B 311 5.71 -25.47 15.75
N ILE B 312 6.92 -25.00 16.06
CA ILE B 312 7.97 -24.97 15.04
C ILE B 312 8.32 -26.38 14.58
N ASN B 313 8.42 -27.32 15.52
CA ASN B 313 8.73 -28.70 15.16
C ASN B 313 7.74 -29.22 14.12
N HIS B 314 6.44 -29.01 14.35
CA HIS B 314 5.46 -29.53 13.41
C HIS B 314 5.45 -28.74 12.11
N LEU B 315 5.58 -27.42 12.20
CA LEU B 315 5.66 -26.62 10.98
C LEU B 315 6.82 -27.09 10.11
N LEU B 316 7.99 -27.29 10.72
CA LEU B 316 9.16 -27.70 9.95
C LEU B 316 8.93 -29.05 9.30
N LYS B 317 8.31 -29.99 10.02
CA LYS B 317 8.05 -31.30 9.44
C LYS B 317 7.10 -31.20 8.26
N LYS B 318 5.98 -30.50 8.44
CA LYS B 318 5.03 -30.36 7.34
C LYS B 318 5.64 -29.59 6.18
N PHE B 319 6.50 -28.63 6.47
CA PHE B 319 7.09 -27.83 5.39
C PHE B 319 8.03 -28.68 4.55
N LYS B 320 8.95 -29.40 5.18
CA LYS B 320 9.85 -30.27 4.44
C LYS B 320 9.06 -31.33 3.67
N GLU B 321 8.02 -31.87 4.28
CA GLU B 321 7.15 -32.79 3.56
C GLU B 321 6.55 -32.13 2.33
N GLY B 322 6.23 -30.84 2.44
CA GLY B 322 5.70 -30.13 1.29
C GLY B 322 6.76 -29.83 0.25
N VAL B 323 7.98 -29.51 0.69
CA VAL B 323 9.07 -29.31 -0.24
C VAL B 323 9.31 -30.57 -1.06
N GLU B 324 9.26 -31.74 -0.41
CA GLU B 324 9.47 -33.00 -1.11
C GLU B 324 8.39 -33.22 -2.15
N SER B 325 7.19 -33.62 -1.71
CA SER B 325 6.08 -33.86 -2.63
C SER B 325 4.76 -33.77 -1.90
MN MN C . 11.19 9.93 -8.26
MN MN D . 8.12 11.19 -9.09
O1 PG4 E . 16.52 11.27 0.82
C1 PG4 E . 15.98 11.87 -0.32
C2 PG4 E . 16.89 13.03 -0.72
O2 PG4 E . 16.20 13.95 -1.52
C3 PG4 E . 17.00 15.06 -1.83
C4 PG4 E . 16.61 15.63 -3.19
O3 PG4 E . 15.25 15.91 -3.21
C5 PG4 E . 14.51 15.10 -4.09
C6 PG4 E . 13.04 15.48 -4.00
O4 PG4 E . 12.26 14.32 -3.81
C7 PG4 E . 10.90 14.58 -3.69
C8 PG4 E . 10.11 13.29 -3.71
O5 PG4 E . 10.39 12.55 -2.56
C1 PEG F . 21.96 23.94 6.17
O1 PEG F . 20.95 24.40 5.29
C2 PEG F . 21.37 22.92 7.15
O2 PEG F . 22.38 22.15 7.70
C3 PEG F . 23.18 22.79 8.67
C4 PEG F . 24.38 21.92 8.99
O4 PEG F . 25.42 22.70 9.48
C1 PEG G . 17.48 28.38 6.40
O1 PEG G . 17.27 29.68 6.90
C2 PEG G . 17.45 27.39 7.56
O2 PEG G . 18.76 27.20 8.03
C3 PEG G . 19.24 25.89 8.01
C4 PEG G . 20.15 25.69 9.22
O4 PEG G . 21.30 26.48 9.09
C1 PEG H . 11.89 28.65 15.81
O1 PEG H . 10.67 29.24 16.15
C2 PEG H . 12.21 27.49 16.75
O2 PEG H . 11.03 26.97 17.31
C3 PEG H . 11.28 25.94 18.23
C4 PEG H . 10.07 25.69 19.10
O4 PEG H . 9.55 26.92 19.55
C1 PEG I . 23.71 11.71 15.57
O1 PEG I . 24.53 10.58 15.49
C2 PEG I . 23.15 11.84 17.00
O2 PEG I . 22.37 12.99 17.09
C3 PEG I . 20.99 12.78 17.01
C4 PEG I . 20.42 12.70 18.43
O4 PEG I . 19.11 12.23 18.39
C1 PEG J . 8.20 -0.52 4.56
O1 PEG J . 8.18 -0.56 3.16
C2 PEG J . 9.61 -0.71 5.10
O2 PEG J . 9.54 -1.19 6.42
C3 PEG J . 10.41 -2.24 6.76
C4 PEG J . 9.63 -3.37 7.44
O4 PEG J . 8.51 -2.85 8.11
C1 PEG K . 12.24 -8.13 -20.55
O1 PEG K . 13.64 -8.02 -20.53
C2 PEG K . 11.78 -8.86 -21.80
O2 PEG K . 10.58 -9.49 -21.49
C3 PEG K . 9.73 -9.67 -22.58
C4 PEG K . 8.88 -10.93 -22.32
O4 PEG K . 7.52 -10.62 -22.30
CA CA L . -40.37 3.46 4.00
CA CA M . -17.63 2.09 18.38
MN MN N . -14.52 -9.61 5.27
MN MN O . -14.65 -9.99 1.97
O1 PG4 P . 5.98 -0.21 11.47
C1 PG4 P . 5.15 -0.73 12.47
C2 PG4 P . 3.87 -1.26 11.82
O2 PG4 P . 3.85 -2.65 11.66
C3 PG4 P . 2.65 -3.18 11.13
C4 PG4 P . 2.36 -2.68 9.70
O3 PG4 P . 1.16 -3.18 9.17
C5 PG4 P . 0.00 -2.82 9.87
C6 PG4 P . -1.14 -2.33 8.96
O4 PG4 P . -2.19 -1.89 9.78
C7 PG4 P . -3.34 -2.68 9.86
C8 PG4 P . -3.00 -4.13 10.22
O5 PG4 P . -4.16 -4.80 10.64
O1 PG4 Q . -9.38 -14.62 26.12
C1 PG4 Q . -9.50 -13.23 26.23
C2 PG4 Q . -8.25 -12.57 25.63
O2 PG4 Q . -8.46 -12.26 24.28
C3 PG4 Q . -7.46 -11.50 23.67
C4 PG4 Q . -6.24 -12.37 23.37
O3 PG4 Q . -6.10 -12.70 22.01
C5 PG4 Q . -7.21 -13.22 21.34
C6 PG4 Q . -6.81 -14.24 20.25
O4 PG4 Q . -7.92 -15.00 19.82
C7 PG4 Q . -8.36 -15.97 20.73
C8 PG4 Q . -9.68 -16.66 20.48
O5 PG4 Q . -9.89 -17.47 21.60
#